data_1AOF
#
_entry.id   1AOF
#
_cell.length_a   107.400
_cell.length_b   61.700
_cell.length_c   101.200
_cell.angle_alpha   90.00
_cell.angle_beta   112.10
_cell.angle_gamma   90.00
#
_symmetry.space_group_name_H-M   'P 1 21 1'
#
loop_
_entity.id
_entity.type
_entity.pdbx_description
1 polymer 'NITRITE REDUCTASE'
2 non-polymer 'PROTOPORPHYRIN IX CONTAINING FE'
3 non-polymer 'HEME D'
4 non-polymer 'SULFUR DIOXIDE'
5 water water
#
_entity_poly.entity_id   1
_entity_poly.type   'polypeptide(L)'
_entity_poly.pdbx_seq_one_letter_code
;QEQVAPPKDPAAALEDHKTRTDNRYEPSLDNLAQQDVAAPGAPEGVTALSDAQYNEANKIYFERCAGCHGVLRKGATGKA
LTPDLTRDLGFDYLQSFITYASPAGMPNWGTSGELSAEQVDLMANYLLLDPAAPPEFGMKEMRESWKVHVAPEDRPTQQM
NDWDLENLFSVTLRDAGQIALIDGSTYEIKTVLDTGYAVHISRLSASGRYLFVIGRDGKVNMIDLWMKEPTTVAEIKIGS
EARSIETSKMEGWEDKYAIAGAYWPPQYVIMDGETLEPKKIQSTRGMTYDEQEYHPEPRVAAILASHYRPEFIVNVKETG
KILLVDYTDLNNLKTTEISAERFLHDGGLDGSHRYFITAANARNKLVVIDTKEGKLVAIEDTGGQTPHPGRGANFVHPTF
GPVWATSHMGDDSVALIGTDPEGHPDNAWKILDSFPALGGGSLFIKTHPNSQYLYVDATLNPEAEISGSVAVFDIKAMTG
DGSDPEFKTLPIAEWAGITEGQPRVVQGEFNKDGTEVWFSVWNGKDQESALVVVDDKTLELKHVIKDERLVTPTGKFNVY
NTMTDTY
;
_entity_poly.pdbx_strand_id   A,B
#
loop_
_chem_comp.id
_chem_comp.type
_chem_comp.name
_chem_comp.formula
DHE non-polymer 'HEME D' 'C34 H32 Fe N4 O10'
HEM non-polymer 'PROTOPORPHYRIN IX CONTAINING FE' 'C34 H32 Fe N4 O4'
SO2 non-polymer 'SULFUR DIOXIDE' 'O2 S'
#
# COMPACT_ATOMS: atom_id res chain seq x y z
N ASP A 36 -14.43 -18.66 -12.22
CA ASP A 36 -13.75 -19.95 -11.91
C ASP A 36 -12.25 -19.78 -11.90
N VAL A 37 -11.59 -20.49 -10.99
CA VAL A 37 -10.15 -20.43 -10.84
C VAL A 37 -9.43 -21.63 -11.46
N ALA A 38 -8.14 -21.48 -11.70
CA ALA A 38 -7.33 -22.54 -12.27
C ALA A 38 -6.90 -23.47 -11.14
N ALA A 39 -7.23 -24.75 -11.26
CA ALA A 39 -6.87 -25.73 -10.22
C ALA A 39 -5.37 -25.90 -10.13
N PRO A 40 -4.83 -25.93 -8.90
CA PRO A 40 -3.39 -26.09 -8.71
C PRO A 40 -2.99 -27.57 -8.84
N GLY A 41 -1.71 -27.81 -9.13
CA GLY A 41 -1.25 -29.17 -9.24
C GLY A 41 -1.05 -29.71 -7.83
N ALA A 42 -1.08 -31.04 -7.70
CA ALA A 42 -0.90 -31.68 -6.40
C ALA A 42 0.53 -32.18 -6.24
N PRO A 43 1.09 -31.99 -5.03
CA PRO A 43 2.46 -32.41 -4.68
C PRO A 43 2.51 -33.93 -4.48
N GLU A 44 3.70 -34.45 -4.15
CA GLU A 44 3.87 -35.86 -3.92
C GLU A 44 3.10 -36.28 -2.67
N GLY A 45 2.25 -37.28 -2.82
CA GLY A 45 1.44 -37.75 -1.71
C GLY A 45 0.05 -37.14 -1.75
N VAL A 46 -0.03 -35.88 -2.15
CA VAL A 46 -1.30 -35.19 -2.23
C VAL A 46 -2.05 -35.57 -3.52
N THR A 47 -3.33 -35.85 -3.38
CA THR A 47 -4.18 -36.22 -4.51
C THR A 47 -4.58 -34.96 -5.29
N ALA A 48 -4.70 -35.09 -6.60
CA ALA A 48 -5.11 -33.96 -7.43
C ALA A 48 -6.62 -33.93 -7.53
N LEU A 49 -7.17 -32.75 -7.79
CA LEU A 49 -8.59 -32.56 -7.95
C LEU A 49 -8.81 -32.03 -9.36
N SER A 50 -9.87 -32.47 -10.00
CA SER A 50 -10.18 -32.02 -11.35
C SER A 50 -10.53 -30.53 -11.28
N ASP A 51 -10.48 -29.86 -12.43
CA ASP A 51 -10.82 -28.44 -12.47
C ASP A 51 -12.23 -28.26 -11.91
N ALA A 52 -13.08 -29.22 -12.22
CA ALA A 52 -14.47 -29.23 -11.77
C ALA A 52 -14.54 -29.37 -10.26
N GLN A 53 -13.87 -30.39 -9.75
CA GLN A 53 -13.82 -30.65 -8.31
C GLN A 53 -13.31 -29.44 -7.55
N TYR A 54 -12.14 -28.95 -7.94
CA TYR A 54 -11.52 -27.82 -7.28
C TYR A 54 -12.40 -26.57 -7.21
N ASN A 55 -13.02 -26.22 -8.33
CA ASN A 55 -13.89 -25.05 -8.35
C ASN A 55 -15.10 -25.25 -7.46
N GLU A 56 -15.52 -26.51 -7.31
CA GLU A 56 -16.67 -26.83 -6.47
C GLU A 56 -16.26 -26.59 -5.02
N ALA A 57 -15.14 -27.18 -4.63
CA ALA A 57 -14.61 -27.04 -3.27
C ALA A 57 -14.24 -25.59 -2.96
N ASN A 58 -13.79 -24.85 -3.96
CA ASN A 58 -13.39 -23.46 -3.79
C ASN A 58 -14.57 -22.57 -3.44
N LYS A 59 -15.72 -22.81 -4.07
CA LYS A 59 -16.91 -22.01 -3.81
C LYS A 59 -17.47 -22.27 -2.42
N ILE A 60 -17.43 -23.53 -2.00
CA ILE A 60 -17.90 -23.90 -0.66
C ILE A 60 -17.01 -23.19 0.36
N TYR A 61 -15.69 -23.20 0.10
CA TYR A 61 -14.76 -22.56 1.02
C TYR A 61 -14.97 -21.05 1.12
N PHE A 62 -14.94 -20.37 -0.01
CA PHE A 62 -15.12 -18.92 -0.01
C PHE A 62 -16.43 -18.44 0.55
N GLU A 63 -17.48 -19.23 0.40
CA GLU A 63 -18.78 -18.85 0.92
C GLU A 63 -18.94 -19.17 2.40
N ARG A 64 -18.48 -20.35 2.80
CA ARG A 64 -18.63 -20.80 4.19
C ARG A 64 -17.45 -20.61 5.15
N CYS A 65 -16.27 -21.07 4.74
CA CYS A 65 -15.10 -21.03 5.61
C CYS A 65 -14.23 -19.76 5.61
N ALA A 66 -14.17 -19.07 4.47
CA ALA A 66 -13.35 -17.87 4.34
C ALA A 66 -13.48 -16.86 5.49
N GLY A 67 -14.68 -16.72 6.02
CA GLY A 67 -14.92 -15.77 7.10
C GLY A 67 -14.14 -16.00 8.39
N CYS A 68 -13.88 -17.26 8.72
CA CYS A 68 -13.14 -17.57 9.95
C CYS A 68 -11.68 -17.89 9.70
N HIS A 69 -11.39 -18.55 8.59
CA HIS A 69 -10.03 -18.94 8.26
C HIS A 69 -9.30 -17.96 7.36
N GLY A 70 -9.99 -16.93 6.90
CA GLY A 70 -9.36 -15.96 6.01
C GLY A 70 -9.42 -16.44 4.57
N VAL A 71 -9.70 -15.51 3.66
CA VAL A 71 -9.82 -15.84 2.25
C VAL A 71 -8.53 -16.45 1.70
N LEU A 72 -7.40 -16.08 2.29
CA LEU A 72 -6.11 -16.61 1.87
C LEU A 72 -5.64 -17.72 2.80
N ARG A 73 -6.56 -18.27 3.58
CA ARG A 73 -6.31 -19.36 4.50
C ARG A 73 -5.25 -19.06 5.58
N LYS A 74 -4.91 -17.79 5.72
CA LYS A 74 -3.91 -17.35 6.70
C LYS A 74 -4.45 -17.47 8.12
N GLY A 75 -5.76 -17.66 8.25
CA GLY A 75 -6.36 -17.79 9.56
C GLY A 75 -6.76 -16.41 10.06
N ALA A 76 -7.76 -16.38 10.92
CA ALA A 76 -8.24 -15.12 11.50
C ALA A 76 -9.00 -15.52 12.77
N THR A 77 -10.30 -15.82 12.62
CA THR A 77 -11.18 -16.23 13.72
C THR A 77 -11.22 -17.77 13.76
N GLY A 78 -10.23 -18.37 13.07
CA GLY A 78 -10.08 -19.80 12.99
C GLY A 78 -8.60 -20.05 12.70
N LYS A 79 -8.15 -21.28 12.90
CA LYS A 79 -6.74 -21.61 12.66
C LYS A 79 -6.33 -21.45 11.19
N ALA A 80 -5.03 -21.28 10.96
CA ALA A 80 -4.50 -21.12 9.62
C ALA A 80 -4.53 -22.47 8.92
N LEU A 81 -5.13 -22.52 7.72
CA LEU A 81 -5.24 -23.75 6.96
C LEU A 81 -4.36 -23.76 5.72
N THR A 82 -3.20 -23.13 5.80
CA THR A 82 -2.27 -23.09 4.68
C THR A 82 -1.63 -24.47 4.48
N PRO A 83 -1.23 -24.80 3.24
CA PRO A 83 -0.60 -26.07 2.86
C PRO A 83 0.47 -26.59 3.84
N ASP A 84 1.46 -25.76 4.12
CA ASP A 84 2.56 -26.12 5.01
C ASP A 84 2.12 -26.70 6.36
N LEU A 85 0.91 -26.34 6.80
CA LEU A 85 0.38 -26.83 8.07
C LEU A 85 -0.55 -28.01 7.84
N THR A 86 -1.45 -27.88 6.88
CA THR A 86 -2.43 -28.92 6.56
C THR A 86 -1.81 -30.23 6.13
N ARG A 87 -0.78 -30.17 5.29
CA ARG A 87 -0.11 -31.37 4.80
C ARG A 87 0.52 -32.21 5.91
N ASP A 88 1.02 -31.56 6.96
CA ASP A 88 1.62 -32.27 8.08
C ASP A 88 0.54 -33.03 8.83
N LEU A 89 -0.63 -32.41 8.95
CA LEU A 89 -1.77 -33.01 9.65
C LEU A 89 -2.27 -34.27 8.94
N GLY A 90 -2.32 -34.21 7.61
CA GLY A 90 -2.76 -35.35 6.84
C GLY A 90 -4.26 -35.38 6.57
N PHE A 91 -4.63 -36.14 5.55
CA PHE A 91 -6.02 -36.30 5.12
C PHE A 91 -7.01 -36.58 6.25
N ASP A 92 -6.92 -37.77 6.84
CA ASP A 92 -7.82 -38.19 7.92
C ASP A 92 -8.00 -37.16 9.04
N TYR A 93 -6.93 -36.46 9.40
CA TYR A 93 -7.00 -35.44 10.44
C TYR A 93 -7.96 -34.34 10.01
N LEU A 94 -7.77 -33.85 8.78
CA LEU A 94 -8.61 -32.79 8.24
C LEU A 94 -10.04 -33.31 8.09
N GLN A 95 -10.17 -34.46 7.45
CA GLN A 95 -11.45 -35.11 7.21
C GLN A 95 -12.30 -35.20 8.48
N SER A 96 -11.66 -35.48 9.61
CA SER A 96 -12.37 -35.59 10.89
C SER A 96 -12.82 -34.23 11.38
N PHE A 97 -11.87 -33.30 11.53
CA PHE A 97 -12.15 -31.95 12.00
C PHE A 97 -13.30 -31.30 11.23
N ILE A 98 -13.42 -31.65 9.94
CA ILE A 98 -14.47 -31.11 9.07
C ILE A 98 -15.84 -31.71 9.40
N THR A 99 -15.88 -33.02 9.56
CA THR A 99 -17.12 -33.71 9.85
C THR A 99 -17.64 -33.56 11.29
N TYR A 100 -16.75 -33.64 12.26
CA TYR A 100 -17.13 -33.56 13.67
C TYR A 100 -17.08 -32.22 14.35
N ALA A 101 -16.08 -31.41 14.01
CA ALA A 101 -15.91 -30.08 14.60
C ALA A 101 -15.12 -30.11 15.89
N SER A 102 -15.32 -29.09 16.71
CA SER A 102 -14.64 -28.96 17.99
C SER A 102 -15.38 -27.92 18.83
N PRO A 103 -15.05 -27.81 20.12
CA PRO A 103 -15.65 -26.87 21.07
C PRO A 103 -15.09 -25.45 20.95
N ALA A 104 -13.85 -25.35 20.49
CA ALA A 104 -13.18 -24.06 20.36
C ALA A 104 -13.77 -23.11 19.31
N GLY A 105 -14.57 -23.64 18.38
CA GLY A 105 -15.16 -22.77 17.38
C GLY A 105 -15.44 -23.39 16.02
N MET A 106 -14.75 -24.49 15.73
CA MET A 106 -14.93 -25.18 14.45
C MET A 106 -16.25 -25.92 14.43
N PRO A 107 -17.16 -25.58 13.49
CA PRO A 107 -18.49 -26.19 13.32
C PRO A 107 -18.46 -27.62 12.80
N ASN A 108 -19.51 -28.39 13.13
CA ASN A 108 -19.62 -29.79 12.70
C ASN A 108 -20.28 -29.89 11.34
N TRP A 109 -19.50 -29.64 10.29
CA TRP A 109 -20.01 -29.67 8.92
C TRP A 109 -20.56 -31.02 8.45
N GLY A 110 -19.90 -32.11 8.85
CA GLY A 110 -20.36 -33.43 8.44
C GLY A 110 -21.58 -33.90 9.19
N THR A 111 -21.47 -33.97 10.52
CA THR A 111 -22.58 -34.44 11.36
C THR A 111 -23.84 -33.59 11.28
N SER A 112 -23.68 -32.29 11.04
CA SER A 112 -24.84 -31.40 10.95
C SER A 112 -25.58 -31.61 9.63
N GLY A 113 -24.91 -32.25 8.68
CA GLY A 113 -25.52 -32.49 7.39
C GLY A 113 -25.31 -31.31 6.46
N GLU A 114 -24.52 -30.34 6.89
CA GLU A 114 -24.24 -29.16 6.08
C GLU A 114 -23.44 -29.55 4.85
N LEU A 115 -22.53 -30.50 5.04
CA LEU A 115 -21.70 -30.99 3.95
C LEU A 115 -21.81 -32.51 3.89
N SER A 116 -22.20 -33.02 2.72
CA SER A 116 -22.35 -34.46 2.53
C SER A 116 -20.95 -35.12 2.55
N ALA A 117 -20.94 -36.45 2.68
CA ALA A 117 -19.71 -37.22 2.70
C ALA A 117 -18.73 -36.83 1.61
N GLU A 118 -19.22 -36.77 0.37
CA GLU A 118 -18.38 -36.40 -0.75
C GLU A 118 -17.78 -35.03 -0.55
N GLN A 119 -18.64 -34.05 -0.28
CA GLN A 119 -18.21 -32.67 -0.05
C GLN A 119 -17.12 -32.59 1.02
N VAL A 120 -17.26 -33.39 2.07
CA VAL A 120 -16.27 -33.39 3.15
C VAL A 120 -14.90 -33.84 2.60
N ASP A 121 -14.87 -34.98 1.91
CA ASP A 121 -13.63 -35.50 1.34
C ASP A 121 -13.05 -34.50 0.35
N LEU A 122 -13.93 -33.85 -0.41
CA LEU A 122 -13.52 -32.85 -1.40
C LEU A 122 -12.78 -31.73 -0.68
N MET A 123 -13.42 -31.21 0.38
CA MET A 123 -12.85 -30.12 1.15
C MET A 123 -11.56 -30.52 1.86
N ALA A 124 -11.49 -31.77 2.31
CA ALA A 124 -10.29 -32.26 2.99
C ALA A 124 -9.10 -32.28 2.04
N ASN A 125 -9.36 -32.65 0.79
CA ASN A 125 -8.30 -32.70 -0.21
C ASN A 125 -7.97 -31.30 -0.70
N TYR A 126 -8.99 -30.46 -0.81
CA TYR A 126 -8.84 -29.06 -1.24
C TYR A 126 -7.85 -28.36 -0.30
N LEU A 127 -8.00 -28.59 0.99
CA LEU A 127 -7.14 -27.99 2.00
C LEU A 127 -5.68 -28.38 1.88
N LEU A 128 -5.41 -29.49 1.21
CA LEU A 128 -4.04 -29.96 1.02
C LEU A 128 -3.41 -29.30 -0.20
N LEU A 129 -4.24 -28.65 -1.00
CA LEU A 129 -3.80 -27.96 -2.22
C LEU A 129 -3.56 -26.48 -1.95
N ASP A 130 -2.78 -25.84 -2.82
CA ASP A 130 -2.48 -24.41 -2.69
C ASP A 130 -3.77 -23.58 -2.67
N PRO A 131 -3.78 -22.49 -1.90
CA PRO A 131 -4.93 -21.60 -1.78
C PRO A 131 -5.31 -20.97 -3.12
N ALA A 132 -6.60 -20.90 -3.38
CA ALA A 132 -7.10 -20.31 -4.61
C ALA A 132 -7.07 -18.79 -4.48
N ALA A 133 -6.57 -18.11 -5.50
CA ALA A 133 -6.49 -16.66 -5.52
C ALA A 133 -7.90 -16.08 -5.62
N PRO A 134 -8.34 -15.36 -4.58
CA PRO A 134 -9.69 -14.75 -4.53
C PRO A 134 -9.83 -13.65 -5.57
N PRO A 135 -11.08 -13.33 -5.95
CA PRO A 135 -11.31 -12.28 -6.94
C PRO A 135 -11.13 -10.86 -6.37
N GLU A 136 -10.60 -9.97 -7.19
CA GLU A 136 -10.40 -8.58 -6.80
C GLU A 136 -11.68 -7.85 -7.15
N PHE A 137 -11.82 -6.61 -6.69
CA PHE A 137 -13.01 -5.82 -6.96
C PHE A 137 -12.58 -4.36 -7.01
N GLY A 138 -12.11 -3.94 -8.18
CA GLY A 138 -11.65 -2.56 -8.36
C GLY A 138 -12.69 -1.62 -8.96
N MET A 139 -12.18 -0.52 -9.50
CA MET A 139 -13.00 0.53 -10.09
C MET A 139 -14.02 0.05 -11.13
N LYS A 140 -13.56 -0.76 -12.07
CA LYS A 140 -14.45 -1.26 -13.11
C LYS A 140 -15.66 -2.00 -12.53
N GLU A 141 -15.39 -2.86 -11.55
CA GLU A 141 -16.42 -3.65 -10.89
C GLU A 141 -17.39 -2.78 -10.08
N MET A 142 -16.84 -1.79 -9.37
CA MET A 142 -17.67 -0.89 -8.57
C MET A 142 -18.57 -0.06 -9.47
N ARG A 143 -18.00 0.42 -10.58
CA ARG A 143 -18.77 1.22 -11.52
C ARG A 143 -19.89 0.43 -12.22
N GLU A 144 -19.69 -0.88 -12.37
CA GLU A 144 -20.71 -1.73 -12.99
C GLU A 144 -21.89 -1.90 -12.03
N SER A 145 -21.62 -1.81 -10.73
CA SER A 145 -22.65 -1.96 -9.71
C SER A 145 -23.26 -0.62 -9.28
N TRP A 146 -22.66 0.48 -9.69
CA TRP A 146 -23.11 1.81 -9.32
C TRP A 146 -24.37 2.25 -10.06
N LYS A 147 -25.38 2.64 -9.28
CA LYS A 147 -26.62 3.10 -9.86
C LYS A 147 -27.14 4.31 -9.11
N VAL A 148 -27.41 5.38 -9.84
CA VAL A 148 -27.95 6.60 -9.26
C VAL A 148 -29.43 6.58 -9.66
N HIS A 149 -30.32 6.31 -8.70
CA HIS A 149 -31.74 6.26 -8.98
C HIS A 149 -32.36 7.64 -9.16
N VAL A 150 -31.96 8.57 -8.30
CA VAL A 150 -32.46 9.92 -8.41
C VAL A 150 -31.26 10.86 -8.38
N ALA A 151 -30.99 11.49 -9.52
CA ALA A 151 -29.86 12.41 -9.66
C ALA A 151 -30.03 13.57 -8.67
N PRO A 152 -28.92 14.12 -8.16
CA PRO A 152 -28.98 15.23 -7.20
C PRO A 152 -29.90 16.39 -7.62
N GLU A 153 -29.88 16.75 -8.90
CA GLU A 153 -30.71 17.85 -9.40
C GLU A 153 -32.22 17.53 -9.39
N ASP A 154 -32.57 16.26 -9.30
CA ASP A 154 -33.96 15.85 -9.27
C ASP A 154 -34.47 15.61 -7.85
N ARG A 155 -33.60 15.85 -6.86
CA ARG A 155 -33.97 15.65 -5.46
C ARG A 155 -34.53 16.94 -4.86
N PRO A 156 -35.23 16.85 -3.71
CA PRO A 156 -35.84 18.00 -3.03
C PRO A 156 -34.76 19.00 -2.62
N THR A 157 -35.14 20.28 -2.61
CA THR A 157 -34.25 21.35 -2.21
C THR A 157 -34.49 21.70 -0.74
N GLN A 158 -35.49 21.04 -0.15
CA GLN A 158 -35.84 21.22 1.25
C GLN A 158 -36.60 19.99 1.71
N GLN A 159 -36.70 19.78 3.02
CA GLN A 159 -37.41 18.62 3.56
C GLN A 159 -38.87 18.67 3.12
N MET A 160 -39.32 17.60 2.43
CA MET A 160 -40.68 17.54 1.90
C MET A 160 -41.59 16.72 2.82
N ASN A 161 -41.09 15.95 3.75
CA ASN A 161 -41.95 15.19 4.66
C ASN A 161 -42.03 16.02 5.94
N ASP A 162 -42.88 15.64 6.87
CA ASP A 162 -43.01 16.41 8.11
C ASP A 162 -42.46 15.69 9.34
N TRP A 163 -41.58 14.71 9.11
CA TRP A 163 -41.00 13.95 10.20
C TRP A 163 -39.97 14.76 10.98
N ASP A 164 -39.74 14.35 12.23
CA ASP A 164 -38.72 14.97 13.08
C ASP A 164 -37.52 14.08 12.76
N LEU A 165 -36.79 14.46 11.72
CA LEU A 165 -35.63 13.69 11.27
C LEU A 165 -34.55 13.44 12.32
N GLU A 166 -34.26 14.45 13.13
CA GLU A 166 -33.23 14.30 14.16
C GLU A 166 -33.57 13.28 15.23
N ASN A 167 -34.85 12.98 15.41
CA ASN A 167 -35.25 12.01 16.43
C ASN A 167 -35.61 10.65 15.85
N LEU A 168 -35.33 10.45 14.56
CA LEU A 168 -35.61 9.20 13.89
C LEU A 168 -34.54 8.14 14.23
N PHE A 169 -34.95 6.88 14.28
CA PHE A 169 -34.05 5.76 14.56
C PHE A 169 -33.98 4.85 13.34
N SER A 170 -32.78 4.54 12.87
CA SER A 170 -32.59 3.64 11.75
C SER A 170 -32.22 2.30 12.37
N VAL A 171 -33.12 1.34 12.24
CA VAL A 171 -32.96 0.01 12.82
C VAL A 171 -32.68 -1.09 11.80
N THR A 172 -31.62 -1.86 12.04
CA THR A 172 -31.25 -2.95 11.16
C THR A 172 -32.16 -4.16 11.42
N LEU A 173 -32.79 -4.68 10.37
CA LEU A 173 -33.66 -5.87 10.45
C LEU A 173 -32.76 -6.88 9.74
N ARG A 174 -31.79 -7.35 10.51
CA ARG A 174 -30.73 -8.22 10.04
C ARG A 174 -31.03 -9.22 8.95
N ASP A 175 -31.65 -10.32 9.32
CA ASP A 175 -31.97 -11.41 8.41
C ASP A 175 -32.99 -11.11 7.31
N ALA A 176 -33.65 -9.96 7.38
CA ALA A 176 -34.63 -9.59 6.36
C ALA A 176 -34.04 -8.71 5.26
N GLY A 177 -32.81 -8.23 5.45
CA GLY A 177 -32.18 -7.40 4.44
C GLY A 177 -32.94 -6.09 4.26
N GLN A 178 -33.33 -5.50 5.39
CA GLN A 178 -34.06 -4.25 5.41
C GLN A 178 -33.68 -3.44 6.63
N ILE A 179 -34.08 -2.19 6.64
CA ILE A 179 -33.87 -1.31 7.78
C ILE A 179 -35.25 -0.69 8.00
N ALA A 180 -35.55 -0.37 9.26
CA ALA A 180 -36.81 0.26 9.59
C ALA A 180 -36.47 1.64 10.14
N LEU A 181 -37.22 2.65 9.69
CA LEU A 181 -37.06 4.02 10.15
C LEU A 181 -38.20 4.19 11.14
N ILE A 182 -37.87 4.44 12.40
CA ILE A 182 -38.87 4.55 13.46
C ILE A 182 -38.84 5.90 14.16
N ASP A 183 -40.03 6.44 14.39
CA ASP A 183 -40.21 7.73 15.05
C ASP A 183 -39.77 7.66 16.51
N GLY A 184 -38.83 8.53 16.87
CA GLY A 184 -38.29 8.55 18.23
C GLY A 184 -39.21 8.97 19.35
N SER A 185 -40.36 9.58 19.03
CA SER A 185 -41.28 9.98 20.08
C SER A 185 -42.60 9.23 20.09
N THR A 186 -43.09 8.83 18.92
CA THR A 186 -44.36 8.12 18.85
C THR A 186 -44.14 6.61 18.74
N TYR A 187 -42.92 6.23 18.39
CA TYR A 187 -42.54 4.81 18.26
C TYR A 187 -43.18 4.09 17.09
N GLU A 188 -43.66 4.84 16.12
CA GLU A 188 -44.28 4.20 14.96
C GLU A 188 -43.26 3.95 13.84
N ILE A 189 -43.40 2.81 13.20
CA ILE A 189 -42.53 2.46 12.09
C ILE A 189 -43.01 3.36 10.96
N LYS A 190 -42.17 4.32 10.57
CA LYS A 190 -42.51 5.25 9.51
C LYS A 190 -42.35 4.57 8.14
N THR A 191 -41.34 3.71 8.02
CA THR A 191 -41.11 3.01 6.77
C THR A 191 -40.10 1.89 6.93
N VAL A 192 -40.20 0.90 6.05
CA VAL A 192 -39.31 -0.25 6.02
C VAL A 192 -38.70 -0.26 4.63
N LEU A 193 -37.38 -0.17 4.56
CA LEU A 193 -36.70 -0.12 3.27
C LEU A 193 -35.84 -1.35 3.00
N ASP A 194 -35.83 -1.80 1.74
CA ASP A 194 -35.02 -2.95 1.35
C ASP A 194 -33.61 -2.46 1.04
N THR A 195 -32.63 -3.15 1.60
CA THR A 195 -31.24 -2.76 1.43
C THR A 195 -30.40 -4.01 1.16
N GLY A 196 -29.12 -3.96 1.54
CA GLY A 196 -28.25 -5.10 1.37
C GLY A 196 -28.56 -6.07 2.49
N TYR A 197 -28.13 -7.32 2.36
CA TYR A 197 -28.37 -8.31 3.40
C TYR A 197 -27.62 -8.01 4.68
N ALA A 198 -28.30 -8.23 5.80
CA ALA A 198 -27.75 -8.02 7.13
C ALA A 198 -26.91 -6.77 7.25
N VAL A 199 -27.56 -5.61 7.08
CA VAL A 199 -26.89 -4.33 7.20
C VAL A 199 -26.15 -4.39 8.52
N HIS A 200 -24.91 -3.91 8.53
CA HIS A 200 -24.15 -3.95 9.77
C HIS A 200 -24.34 -2.67 10.56
N ILE A 201 -24.27 -1.52 9.88
CA ILE A 201 -24.44 -0.23 10.55
C ILE A 201 -25.09 0.82 9.63
N SER A 202 -25.62 1.86 10.26
CA SER A 202 -26.21 3.00 9.58
C SER A 202 -25.36 4.18 10.02
N ARG A 203 -25.05 5.08 9.09
CA ARG A 203 -24.29 6.29 9.41
C ARG A 203 -24.99 7.46 8.72
N LEU A 204 -24.88 8.65 9.30
CA LEU A 204 -25.54 9.83 8.75
C LEU A 204 -24.56 10.87 8.26
N SER A 205 -24.94 11.58 7.19
CA SER A 205 -24.09 12.65 6.69
C SER A 205 -24.13 13.73 7.76
N ALA A 206 -23.12 14.61 7.73
CA ALA A 206 -23.02 15.68 8.72
C ALA A 206 -24.22 16.62 8.74
N SER A 207 -24.94 16.73 7.64
CA SER A 207 -26.09 17.62 7.58
C SER A 207 -27.34 16.95 8.14
N GLY A 208 -27.29 15.63 8.25
CA GLY A 208 -28.43 14.88 8.74
C GLY A 208 -29.41 14.51 7.64
N ARG A 209 -29.09 14.86 6.40
CA ARG A 209 -29.99 14.58 5.28
C ARG A 209 -29.90 13.18 4.67
N TYR A 210 -28.67 12.71 4.49
CA TYR A 210 -28.44 11.42 3.88
C TYR A 210 -28.08 10.29 4.84
N LEU A 211 -28.78 9.17 4.68
CA LEU A 211 -28.59 7.99 5.49
C LEU A 211 -27.87 6.96 4.63
N PHE A 212 -26.76 6.45 5.16
CA PHE A 212 -25.95 5.46 4.46
C PHE A 212 -25.98 4.16 5.23
N VAL A 213 -26.17 3.06 4.52
CA VAL A 213 -26.16 1.75 5.17
C VAL A 213 -25.27 0.83 4.35
N ILE A 214 -24.59 -0.08 5.04
CA ILE A 214 -23.71 -1.02 4.36
C ILE A 214 -24.04 -2.45 4.80
N GLY A 215 -24.33 -3.30 3.82
CA GLY A 215 -24.63 -4.69 4.11
C GLY A 215 -23.32 -5.44 4.25
N ARG A 216 -23.33 -6.56 4.97
CA ARG A 216 -22.09 -7.31 5.13
C ARG A 216 -21.54 -7.88 3.82
N ASP A 217 -22.37 -7.77 2.76
CA ASP A 217 -22.01 -8.23 1.44
C ASP A 217 -21.28 -7.14 0.62
N GLY A 218 -21.05 -5.99 1.23
CA GLY A 218 -20.38 -4.90 0.53
C GLY A 218 -21.32 -3.94 -0.19
N LYS A 219 -22.62 -4.18 -0.09
CA LYS A 219 -23.63 -3.34 -0.72
C LYS A 219 -23.88 -2.07 0.10
N VAL A 220 -23.82 -0.92 -0.57
CA VAL A 220 -24.05 0.36 0.08
C VAL A 220 -25.29 1.04 -0.47
N ASN A 221 -26.19 1.46 0.42
CA ASN A 221 -27.40 2.15 -0.01
C ASN A 221 -27.38 3.55 0.58
N MET A 222 -27.70 4.55 -0.24
CA MET A 222 -27.75 5.94 0.20
C MET A 222 -29.22 6.33 0.13
N ILE A 223 -29.77 6.81 1.24
CA ILE A 223 -31.18 7.18 1.34
C ILE A 223 -31.36 8.67 1.63
N ASP A 224 -32.23 9.33 0.86
CA ASP A 224 -32.50 10.75 1.02
C ASP A 224 -33.69 10.91 1.97
N LEU A 225 -33.41 11.41 3.17
CA LEU A 225 -34.45 11.60 4.20
C LEU A 225 -35.31 12.86 4.00
N TRP A 226 -35.04 13.62 2.95
CA TRP A 226 -35.83 14.81 2.68
C TRP A 226 -37.01 14.57 1.76
N MET A 227 -37.02 13.45 1.06
CA MET A 227 -38.11 13.12 0.15
C MET A 227 -39.41 12.91 0.92
N LYS A 228 -40.54 13.06 0.24
CA LYS A 228 -41.87 12.87 0.83
C LYS A 228 -41.86 11.47 1.43
N GLU A 229 -41.36 10.53 0.66
CA GLU A 229 -41.21 9.15 1.12
C GLU A 229 -39.75 8.80 0.85
N PRO A 230 -38.90 8.90 1.87
CA PRO A 230 -37.47 8.59 1.76
C PRO A 230 -37.27 7.25 1.08
N THR A 231 -36.28 7.18 0.20
CA THR A 231 -35.97 5.96 -0.52
C THR A 231 -34.51 6.00 -0.95
N THR A 232 -34.02 4.87 -1.43
CA THR A 232 -32.64 4.73 -1.90
C THR A 232 -32.45 5.55 -3.17
N VAL A 233 -31.61 6.59 -3.10
CA VAL A 233 -31.34 7.43 -4.26
C VAL A 233 -30.10 7.00 -5.04
N ALA A 234 -29.25 6.19 -4.42
CA ALA A 234 -28.04 5.68 -5.07
C ALA A 234 -27.54 4.44 -4.34
N GLU A 235 -26.90 3.55 -5.08
CA GLU A 235 -26.36 2.31 -4.51
C GLU A 235 -25.09 1.92 -5.25
N ILE A 236 -24.24 1.15 -4.59
CA ILE A 236 -22.98 0.69 -5.16
C ILE A 236 -22.50 -0.50 -4.34
N LYS A 237 -21.62 -1.30 -4.91
CA LYS A 237 -21.06 -2.43 -4.20
C LYS A 237 -19.56 -2.13 -4.16
N ILE A 238 -18.97 -2.24 -2.98
CA ILE A 238 -17.56 -1.92 -2.82
C ILE A 238 -16.63 -3.09 -2.55
N GLY A 239 -17.18 -4.30 -2.51
CA GLY A 239 -16.38 -5.49 -2.26
C GLY A 239 -17.23 -6.72 -2.02
N SER A 240 -16.62 -7.76 -1.45
CA SER A 240 -17.30 -9.04 -1.17
C SER A 240 -17.84 -9.14 0.24
N GLU A 241 -17.05 -8.65 1.20
CA GLU A 241 -17.38 -8.67 2.62
C GLU A 241 -17.00 -7.30 3.17
N ALA A 242 -17.91 -6.62 3.85
CA ALA A 242 -17.65 -5.30 4.41
C ALA A 242 -18.40 -5.08 5.71
N ARG A 243 -17.95 -4.13 6.52
CA ARG A 243 -18.57 -3.82 7.81
C ARG A 243 -18.69 -2.34 8.12
N SER A 244 -17.87 -1.51 7.50
CA SER A 244 -17.91 -0.10 7.86
C SER A 244 -18.10 0.94 6.81
N ILE A 245 -18.67 2.06 7.25
CA ILE A 245 -18.92 3.19 6.40
C ILE A 245 -18.99 4.44 7.29
N GLU A 246 -18.56 5.58 6.76
CA GLU A 246 -18.60 6.83 7.51
C GLU A 246 -18.67 7.98 6.53
N THR A 247 -19.12 9.13 7.02
CA THR A 247 -19.29 10.35 6.23
C THR A 247 -18.30 11.41 6.70
N SER A 248 -18.04 12.40 5.85
CA SER A 248 -17.13 13.49 6.20
C SER A 248 -17.77 14.40 7.25
N LYS A 249 -17.06 14.64 8.35
CA LYS A 249 -17.59 15.45 9.44
C LYS A 249 -16.80 16.69 9.83
N MET A 250 -15.78 17.02 9.05
CA MET A 250 -14.98 18.21 9.32
C MET A 250 -15.84 19.39 8.87
N GLU A 251 -15.91 20.43 9.70
CA GLU A 251 -16.70 21.63 9.38
C GLU A 251 -16.25 22.15 8.02
N GLY A 252 -17.22 22.36 7.12
CA GLY A 252 -16.90 22.86 5.79
C GLY A 252 -16.89 21.75 4.76
N TRP A 253 -17.00 20.50 5.21
CA TRP A 253 -17.01 19.34 4.32
C TRP A 253 -18.27 18.49 4.45
N GLU A 254 -19.34 19.11 4.94
CA GLU A 254 -20.62 18.43 5.10
C GLU A 254 -21.14 17.93 3.76
N ASP A 255 -21.53 16.65 3.72
CA ASP A 255 -22.05 16.02 2.52
C ASP A 255 -21.07 15.85 1.37
N LYS A 256 -19.80 16.12 1.62
CA LYS A 256 -18.81 16.03 0.55
C LYS A 256 -18.41 14.61 0.16
N TYR A 257 -18.15 13.76 1.14
CA TYR A 257 -17.70 12.40 0.89
C TYR A 257 -18.24 11.37 1.87
N ALA A 258 -18.09 10.11 1.49
CA ALA A 258 -18.46 8.97 2.29
C ALA A 258 -17.30 8.01 2.00
N ILE A 259 -17.00 7.15 2.96
CA ILE A 259 -15.92 6.19 2.80
C ILE A 259 -16.43 4.85 3.31
N ALA A 260 -16.06 3.77 2.62
CA ALA A 260 -16.48 2.43 3.02
C ALA A 260 -15.23 1.57 3.09
N GLY A 261 -15.22 0.63 4.03
CA GLY A 261 -14.08 -0.26 4.17
C GLY A 261 -14.51 -1.70 4.00
N ALA A 262 -13.64 -2.53 3.45
CA ALA A 262 -13.96 -3.94 3.21
C ALA A 262 -13.01 -4.90 3.90
N TYR A 263 -13.51 -6.11 4.13
CA TYR A 263 -12.75 -7.20 4.71
C TYR A 263 -12.10 -7.84 3.49
N TRP A 264 -12.85 -7.93 2.40
CA TRP A 264 -12.32 -8.47 1.15
C TRP A 264 -12.97 -7.81 -0.07
N PRO A 265 -12.14 -7.26 -0.99
CA PRO A 265 -10.67 -7.27 -0.93
C PRO A 265 -10.23 -6.29 0.19
N PRO A 266 -8.97 -6.37 0.64
CA PRO A 266 -8.51 -5.46 1.72
C PRO A 266 -8.31 -4.07 1.14
N GLN A 267 -9.34 -3.23 1.25
CA GLN A 267 -9.29 -1.88 0.69
C GLN A 267 -10.38 -0.97 1.25
N TYR A 268 -10.21 0.32 1.05
CA TYR A 268 -11.22 1.30 1.44
C TYR A 268 -11.48 2.13 0.19
N VAL A 269 -12.68 2.69 0.09
CA VAL A 269 -13.06 3.46 -1.08
C VAL A 269 -13.69 4.79 -0.67
N ILE A 270 -13.21 5.88 -1.25
CA ILE A 270 -13.78 7.20 -0.97
C ILE A 270 -14.77 7.47 -2.12
N MET A 271 -15.99 7.81 -1.77
CA MET A 271 -17.04 8.05 -2.75
C MET A 271 -17.66 9.43 -2.60
N ASP A 272 -18.21 9.93 -3.70
CA ASP A 272 -18.86 11.24 -3.71
C ASP A 272 -20.02 11.15 -2.71
N GLY A 273 -20.15 12.14 -1.84
CA GLY A 273 -21.20 12.13 -0.82
C GLY A 273 -22.63 12.36 -1.28
N GLU A 274 -22.83 12.64 -2.56
CA GLU A 274 -24.15 12.87 -3.12
C GLU A 274 -24.60 11.83 -4.15
N THR A 275 -23.64 11.23 -4.85
CA THR A 275 -23.95 10.25 -5.89
C THR A 275 -23.41 8.86 -5.62
N LEU A 276 -22.48 8.77 -4.66
CA LEU A 276 -21.81 7.50 -4.32
C LEU A 276 -20.78 7.13 -5.38
N GLU A 277 -20.48 8.06 -6.29
CA GLU A 277 -19.48 7.77 -7.32
C GLU A 277 -18.15 7.42 -6.66
N PRO A 278 -17.57 6.26 -7.01
CA PRO A 278 -16.29 5.84 -6.45
C PRO A 278 -15.20 6.76 -6.99
N LYS A 279 -14.50 7.46 -6.09
CA LYS A 279 -13.46 8.40 -6.48
C LYS A 279 -12.03 7.91 -6.25
N LYS A 280 -11.82 7.18 -5.16
CA LYS A 280 -10.49 6.73 -4.82
C LYS A 280 -10.51 5.40 -4.08
N ILE A 281 -9.71 4.45 -4.54
CA ILE A 281 -9.65 3.15 -3.88
C ILE A 281 -8.22 2.92 -3.42
N GLN A 282 -8.07 2.56 -2.16
CA GLN A 282 -6.73 2.31 -1.61
C GLN A 282 -6.66 0.93 -0.99
N SER A 283 -5.64 0.16 -1.35
CA SER A 283 -5.43 -1.17 -0.82
C SER A 283 -4.80 -1.05 0.57
N THR A 284 -5.16 -1.95 1.48
CA THR A 284 -4.61 -1.94 2.83
C THR A 284 -3.52 -3.01 3.01
N ARG A 285 -3.25 -3.77 1.96
CA ARG A 285 -2.20 -4.78 2.01
C ARG A 285 -0.87 -4.08 2.34
N GLY A 286 -0.08 -4.65 3.24
CA GLY A 286 1.18 -4.04 3.61
C GLY A 286 1.88 -4.75 4.75
N MET A 287 2.85 -4.08 5.36
CA MET A 287 3.64 -4.65 6.45
C MET A 287 3.01 -4.52 7.84
N THR A 288 3.11 -5.56 8.66
CA THR A 288 2.60 -5.50 10.03
C THR A 288 3.48 -4.46 10.73
N TYR A 289 2.90 -3.65 11.61
CA TYR A 289 3.67 -2.58 12.27
C TYR A 289 4.87 -3.04 13.11
N ASP A 290 4.72 -4.17 13.78
CA ASP A 290 5.77 -4.70 14.67
C ASP A 290 6.85 -5.57 14.04
N GLU A 291 6.46 -6.67 13.42
CA GLU A 291 7.44 -7.56 12.81
C GLU A 291 7.82 -7.10 11.41
N GLN A 292 7.07 -6.15 10.89
CA GLN A 292 7.29 -5.61 9.56
C GLN A 292 7.45 -6.70 8.52
N GLU A 293 6.45 -7.58 8.50
CA GLU A 293 6.39 -8.68 7.54
C GLU A 293 5.17 -8.39 6.68
N TYR A 294 5.17 -8.88 5.46
CA TYR A 294 4.06 -8.63 4.57
C TYR A 294 2.81 -9.42 4.94
N HIS A 295 1.65 -8.76 4.93
CA HIS A 295 0.37 -9.39 5.23
C HIS A 295 -0.54 -9.18 4.02
N PRO A 296 -0.98 -10.29 3.41
CA PRO A 296 -1.85 -10.23 2.23
C PRO A 296 -3.35 -10.00 2.48
N GLU A 297 -3.75 -9.90 3.75
CA GLU A 297 -5.18 -9.72 4.05
C GLU A 297 -5.50 -8.83 5.27
N PRO A 298 -5.08 -7.56 5.26
CA PRO A 298 -5.38 -6.72 6.42
C PRO A 298 -6.75 -6.06 6.23
N ARG A 299 -7.73 -6.57 6.96
CA ARG A 299 -9.11 -6.12 6.90
C ARG A 299 -9.31 -4.73 7.49
N VAL A 300 -10.20 -3.98 6.88
CA VAL A 300 -10.52 -2.64 7.38
C VAL A 300 -11.59 -2.85 8.44
N ALA A 301 -11.34 -2.31 9.63
CA ALA A 301 -12.31 -2.44 10.70
C ALA A 301 -13.07 -1.12 10.86
N ALA A 302 -13.06 -0.52 12.04
CA ALA A 302 -13.79 0.72 12.27
C ALA A 302 -13.30 1.91 11.46
N ILE A 303 -14.22 2.77 11.05
CA ILE A 303 -13.85 3.98 10.33
C ILE A 303 -14.61 5.11 11.00
N LEU A 304 -13.87 6.15 11.40
CA LEU A 304 -14.45 7.31 12.03
C LEU A 304 -14.05 8.53 11.22
N ALA A 305 -14.65 9.68 11.52
CA ALA A 305 -14.33 10.91 10.80
C ALA A 305 -13.80 11.93 11.80
N SER A 306 -12.70 12.59 11.45
CA SER A 306 -12.09 13.60 12.30
C SER A 306 -12.89 14.88 12.33
N HIS A 307 -12.89 15.55 13.49
CA HIS A 307 -13.58 16.82 13.66
C HIS A 307 -12.57 17.94 13.70
N TYR A 308 -11.29 17.57 13.70
CA TYR A 308 -10.20 18.55 13.77
C TYR A 308 -9.52 18.80 12.43
N ARG A 309 -9.47 17.79 11.57
CA ARG A 309 -8.89 17.91 10.24
C ARG A 309 -9.80 17.21 9.25
N PRO A 310 -9.77 17.59 7.96
CA PRO A 310 -10.61 16.97 6.94
C PRO A 310 -10.02 15.60 6.61
N GLU A 311 -10.18 14.68 7.55
CA GLU A 311 -9.64 13.35 7.40
C GLU A 311 -10.59 12.28 7.88
N PHE A 312 -10.37 11.08 7.37
CA PHE A 312 -11.10 9.92 7.82
C PHE A 312 -10.07 9.16 8.63
N ILE A 313 -10.54 8.44 9.63
CA ILE A 313 -9.70 7.65 10.52
C ILE A 313 -10.03 6.19 10.20
N VAL A 314 -9.06 5.45 9.68
CA VAL A 314 -9.25 4.07 9.25
C VAL A 314 -8.39 3.05 10.04
N ASN A 315 -9.05 2.07 10.65
CA ASN A 315 -8.35 1.02 11.39
C ASN A 315 -8.07 -0.15 10.45
N VAL A 316 -6.82 -0.58 10.39
CA VAL A 316 -6.45 -1.72 9.57
C VAL A 316 -6.05 -2.80 10.58
N LYS A 317 -6.94 -3.78 10.75
CA LYS A 317 -6.80 -4.85 11.73
C LYS A 317 -5.50 -5.65 11.86
N GLU A 318 -5.22 -6.51 10.87
CA GLU A 318 -4.06 -7.40 10.90
C GLU A 318 -2.67 -6.77 10.93
N THR A 319 -2.51 -5.58 10.36
CA THR A 319 -1.21 -4.91 10.35
C THR A 319 -1.03 -3.99 11.55
N GLY A 320 -2.10 -3.69 12.26
CA GLY A 320 -2.04 -2.83 13.42
C GLY A 320 -1.69 -1.39 13.09
N LYS A 321 -2.34 -0.86 12.06
CA LYS A 321 -2.11 0.50 11.62
C LYS A 321 -3.38 1.32 11.52
N ILE A 322 -3.27 2.59 11.89
CA ILE A 322 -4.40 3.50 11.84
C ILE A 322 -4.02 4.55 10.80
N LEU A 323 -4.88 4.74 9.81
CA LEU A 323 -4.60 5.70 8.77
C LEU A 323 -5.46 6.95 8.90
N LEU A 324 -4.82 8.10 8.77
CA LEU A 324 -5.52 9.38 8.80
C LEU A 324 -5.44 9.80 7.33
N VAL A 325 -6.56 9.68 6.63
CA VAL A 325 -6.65 9.98 5.21
C VAL A 325 -7.25 11.35 4.96
N ASP A 326 -6.44 12.25 4.43
CA ASP A 326 -6.86 13.62 4.14
C ASP A 326 -7.62 13.61 2.82
N TYR A 327 -8.89 14.01 2.84
CA TYR A 327 -9.71 14.02 1.63
C TYR A 327 -9.80 15.34 0.88
N THR A 328 -8.94 16.31 1.21
CA THR A 328 -8.99 17.61 0.53
C THR A 328 -8.42 17.53 -0.88
N ASP A 329 -7.60 16.51 -1.14
CA ASP A 329 -7.00 16.33 -2.46
C ASP A 329 -6.83 14.82 -2.67
N LEU A 330 -7.65 14.24 -3.54
CA LEU A 330 -7.61 12.81 -3.81
C LEU A 330 -6.53 12.41 -4.84
N ASN A 331 -6.05 13.36 -5.63
CA ASN A 331 -5.01 13.10 -6.63
C ASN A 331 -3.60 13.15 -6.03
N ASN A 332 -3.40 14.04 -5.06
CA ASN A 332 -2.12 14.17 -4.36
C ASN A 332 -2.53 13.81 -2.93
N LEU A 333 -2.78 12.52 -2.75
CA LEU A 333 -3.28 11.97 -1.49
C LEU A 333 -2.32 11.93 -0.30
N LYS A 334 -2.66 12.71 0.71
CA LYS A 334 -1.87 12.77 1.93
C LYS A 334 -2.47 11.84 2.99
N THR A 335 -1.64 10.94 3.52
CA THR A 335 -2.09 10.03 4.56
C THR A 335 -1.01 9.96 5.64
N THR A 336 -1.44 9.65 6.86
CA THR A 336 -0.52 9.46 7.97
C THR A 336 -0.81 8.04 8.42
N GLU A 337 0.19 7.17 8.32
CA GLU A 337 0.05 5.77 8.71
C GLU A 337 0.70 5.61 10.09
N ILE A 338 -0.16 5.46 11.09
CA ILE A 338 0.26 5.34 12.49
C ILE A 338 0.44 3.89 12.95
N SER A 339 1.65 3.53 13.38
CA SER A 339 1.92 2.19 13.87
C SER A 339 1.27 2.14 15.27
N ALA A 340 0.36 1.20 15.47
CA ALA A 340 -0.35 1.12 16.75
C ALA A 340 -0.19 -0.25 17.41
N GLU A 341 -1.21 -1.10 17.32
CA GLU A 341 -1.16 -2.43 17.88
C GLU A 341 -2.01 -3.30 16.97
N ARG A 342 -1.68 -4.58 16.85
CA ARG A 342 -2.43 -5.46 15.98
C ARG A 342 -3.80 -5.85 16.53
N PHE A 343 -4.70 -6.19 15.60
CA PHE A 343 -6.07 -6.60 15.89
C PHE A 343 -6.99 -5.46 16.30
N LEU A 344 -6.76 -4.29 15.70
CA LEU A 344 -7.59 -3.12 15.94
C LEU A 344 -8.99 -3.51 15.49
N HIS A 345 -10.02 -3.07 16.22
CA HIS A 345 -11.37 -3.38 15.81
C HIS A 345 -12.21 -2.11 15.86
N ASP A 346 -12.90 -1.90 16.97
CA ASP A 346 -13.77 -0.74 17.12
C ASP A 346 -13.25 0.33 18.07
N GLY A 347 -13.94 1.47 18.13
CA GLY A 347 -13.50 2.53 19.02
C GLY A 347 -14.32 3.79 18.81
N GLY A 348 -13.98 4.85 19.54
CA GLY A 348 -14.73 6.08 19.41
C GLY A 348 -13.92 7.28 19.83
N LEU A 349 -14.48 8.47 19.64
CA LEU A 349 -13.80 9.69 20.02
C LEU A 349 -14.17 10.03 21.47
N ASP A 350 -13.29 10.76 22.14
CA ASP A 350 -13.55 11.18 23.50
C ASP A 350 -14.61 12.30 23.43
N GLY A 351 -14.99 12.84 24.57
CA GLY A 351 -16.01 13.88 24.61
C GLY A 351 -15.72 15.13 23.80
N SER A 352 -14.45 15.54 23.79
CA SER A 352 -14.04 16.74 23.05
C SER A 352 -13.88 16.48 21.55
N HIS A 353 -13.97 15.20 21.15
CA HIS A 353 -13.82 14.78 19.76
C HIS A 353 -12.41 14.94 19.20
N ARG A 354 -11.42 15.05 20.07
CA ARG A 354 -10.04 15.19 19.60
C ARG A 354 -9.23 13.88 19.62
N TYR A 355 -9.51 13.03 20.59
CA TYR A 355 -8.79 11.78 20.72
C TYR A 355 -9.58 10.57 20.30
N PHE A 356 -8.94 9.70 19.52
CA PHE A 356 -9.54 8.46 19.05
C PHE A 356 -9.02 7.35 19.96
N ILE A 357 -9.94 6.64 20.61
CA ILE A 357 -9.59 5.55 21.50
C ILE A 357 -10.16 4.28 20.89
N THR A 358 -9.27 3.36 20.54
CA THR A 358 -9.70 2.14 19.88
C THR A 358 -9.14 0.86 20.52
N ALA A 359 -9.91 -0.21 20.42
CA ALA A 359 -9.55 -1.48 20.98
C ALA A 359 -8.82 -2.42 20.04
N ALA A 360 -7.62 -2.83 20.45
CA ALA A 360 -6.81 -3.79 19.72
C ALA A 360 -7.27 -5.00 20.53
N ASN A 361 -8.47 -5.48 20.22
CA ASN A 361 -9.13 -6.52 20.98
C ASN A 361 -8.45 -7.82 21.37
N ALA A 362 -7.80 -8.49 20.43
CA ALA A 362 -7.12 -9.75 20.75
C ALA A 362 -5.92 -9.58 21.68
N ARG A 363 -5.42 -8.35 21.79
CA ARG A 363 -4.29 -8.07 22.64
C ARG A 363 -4.67 -7.31 23.91
N ASN A 364 -5.97 -7.13 24.14
CA ASN A 364 -6.48 -6.45 25.34
C ASN A 364 -5.90 -5.05 25.60
N LYS A 365 -5.70 -4.30 24.53
CA LYS A 365 -5.15 -2.95 24.64
C LYS A 365 -6.06 -1.88 24.06
N LEU A 366 -5.92 -0.66 24.58
CA LEU A 366 -6.64 0.50 24.09
C LEU A 366 -5.53 1.39 23.53
N VAL A 367 -5.70 1.79 22.27
CA VAL A 367 -4.74 2.65 21.59
C VAL A 367 -5.38 4.04 21.52
N VAL A 368 -4.61 5.07 21.84
CA VAL A 368 -5.11 6.43 21.82
C VAL A 368 -4.34 7.25 20.78
N ILE A 369 -5.09 7.91 19.90
CA ILE A 369 -4.52 8.74 18.84
C ILE A 369 -5.00 10.18 19.00
N ASP A 370 -4.10 11.13 18.78
CA ASP A 370 -4.43 12.55 18.85
C ASP A 370 -4.74 12.93 17.39
N THR A 371 -6.02 13.14 17.08
CA THR A 371 -6.41 13.47 15.71
C THR A 371 -6.01 14.88 15.27
N LYS A 372 -5.74 15.75 16.22
CA LYS A 372 -5.32 17.13 15.90
C LYS A 372 -3.86 17.11 15.45
N GLU A 373 -2.97 16.47 16.22
CA GLU A 373 -1.56 16.41 15.87
C GLU A 373 -1.19 15.25 14.94
N GLY A 374 -2.12 14.31 14.78
CA GLY A 374 -1.90 13.17 13.91
C GLY A 374 -0.84 12.20 14.40
N LYS A 375 -0.95 11.78 15.66
CA LYS A 375 0.02 10.83 16.21
C LYS A 375 -0.45 10.02 17.40
N LEU A 376 0.23 8.90 17.60
CA LEU A 376 -0.05 7.98 18.69
C LEU A 376 0.28 8.65 20.02
N VAL A 377 -0.62 8.52 20.98
CA VAL A 377 -0.43 9.11 22.30
C VAL A 377 -0.15 8.06 23.37
N ALA A 378 -0.86 6.92 23.30
CA ALA A 378 -0.68 5.90 24.32
C ALA A 378 -1.30 4.55 23.94
N ILE A 379 -0.86 3.50 24.63
CA ILE A 379 -1.38 2.14 24.43
C ILE A 379 -1.44 1.58 25.85
N GLU A 380 -2.63 1.24 26.32
CA GLU A 380 -2.79 0.73 27.66
C GLU A 380 -3.56 -0.59 27.69
N ASP A 381 -3.17 -1.48 28.60
CA ASP A 381 -3.85 -2.76 28.74
C ASP A 381 -5.05 -2.46 29.65
N THR A 382 -6.20 -3.03 29.35
CA THR A 382 -7.38 -2.77 30.17
C THR A 382 -7.50 -3.64 31.41
N GLY A 383 -6.74 -4.72 31.44
CA GLY A 383 -6.79 -5.64 32.56
C GLY A 383 -7.94 -6.62 32.38
N GLY A 384 -8.64 -6.51 31.26
CA GLY A 384 -9.74 -7.40 30.97
C GLY A 384 -9.46 -8.19 29.71
N GLN A 385 -10.35 -9.12 29.36
CA GLN A 385 -10.18 -9.94 28.17
C GLN A 385 -11.11 -9.53 27.04
N THR A 386 -10.51 -9.14 25.91
CA THR A 386 -11.23 -8.75 24.71
C THR A 386 -12.14 -7.52 24.84
N PRO A 387 -11.54 -6.32 24.95
CA PRO A 387 -12.30 -5.07 25.06
C PRO A 387 -13.16 -4.91 23.79
N HIS A 388 -14.42 -4.54 23.95
CA HIS A 388 -15.30 -4.32 22.82
C HIS A 388 -16.19 -3.12 23.19
N PRO A 389 -15.71 -1.90 22.91
CA PRO A 389 -16.46 -0.69 23.24
C PRO A 389 -17.56 -0.19 22.32
N GLY A 390 -17.55 -0.61 21.06
CA GLY A 390 -18.52 -0.06 20.12
C GLY A 390 -17.84 1.29 19.97
N ARG A 391 -18.57 2.39 20.10
CA ARG A 391 -17.93 3.70 20.02
C ARG A 391 -17.57 4.16 21.44
N GLY A 392 -17.92 3.32 22.43
CA GLY A 392 -17.60 3.60 23.83
C GLY A 392 -18.56 4.55 24.52
N ALA A 393 -18.24 4.94 25.75
CA ALA A 393 -19.08 5.85 26.52
C ALA A 393 -18.24 6.91 27.23
N ASN A 394 -18.52 8.17 26.93
CA ASN A 394 -17.81 9.28 27.56
C ASN A 394 -18.67 9.88 28.65
N PHE A 395 -18.09 10.13 29.82
CA PHE A 395 -18.84 10.74 30.91
C PHE A 395 -17.88 11.42 31.88
N VAL A 396 -18.40 12.20 32.81
CA VAL A 396 -17.57 12.87 33.81
C VAL A 396 -17.70 12.10 35.12
N HIS A 397 -16.62 11.44 35.49
CA HIS A 397 -16.58 10.65 36.72
C HIS A 397 -16.46 11.65 37.88
N PRO A 398 -17.27 11.50 38.93
CA PRO A 398 -17.26 12.39 40.10
C PRO A 398 -15.87 12.72 40.68
N THR A 399 -14.97 11.74 40.71
CA THR A 399 -13.63 11.97 41.24
C THR A 399 -12.53 12.11 40.18
N PHE A 400 -12.56 11.26 39.15
CA PHE A 400 -11.55 11.24 38.08
C PHE A 400 -11.67 12.31 37.00
N GLY A 401 -12.86 12.86 36.82
CA GLY A 401 -13.06 13.84 35.77
C GLY A 401 -13.46 13.11 34.49
N PRO A 402 -13.29 13.73 33.31
CA PRO A 402 -13.64 13.09 32.03
C PRO A 402 -12.97 11.73 31.80
N VAL A 403 -13.81 10.73 31.47
CA VAL A 403 -13.33 9.38 31.19
C VAL A 403 -14.13 8.77 30.04
N TRP A 404 -13.59 7.69 29.49
CA TRP A 404 -14.22 6.96 28.41
C TRP A 404 -14.20 5.52 28.93
N ALA A 405 -15.29 4.81 28.73
CA ALA A 405 -15.42 3.46 29.22
C ALA A 405 -15.66 2.42 28.14
N THR A 406 -15.30 1.19 28.47
CA THR A 406 -15.51 0.05 27.58
C THR A 406 -15.81 -1.21 28.39
N SER A 407 -16.65 -2.08 27.85
CA SER A 407 -16.94 -3.34 28.51
C SER A 407 -16.13 -4.36 27.70
N HIS A 408 -16.17 -5.62 28.13
CA HIS A 408 -15.43 -6.68 27.48
C HIS A 408 -16.27 -7.87 27.07
N MET A 409 -15.84 -8.55 26.02
CA MET A 409 -16.53 -9.74 25.54
C MET A 409 -16.07 -10.96 26.34
N GLY A 410 -14.79 -10.97 26.71
CA GLY A 410 -14.20 -12.08 27.43
C GLY A 410 -14.45 -12.21 28.93
N ASP A 411 -14.80 -11.10 29.58
CA ASP A 411 -15.11 -11.13 31.01
C ASP A 411 -16.17 -10.09 31.36
N ASP A 412 -16.45 -9.93 32.65
CA ASP A 412 -17.48 -8.99 33.09
C ASP A 412 -17.03 -7.60 33.47
N SER A 413 -15.77 -7.28 33.19
CA SER A 413 -15.22 -5.99 33.59
C SER A 413 -15.53 -4.80 32.68
N VAL A 414 -15.60 -3.64 33.32
CA VAL A 414 -15.81 -2.38 32.65
C VAL A 414 -14.55 -1.60 33.06
N ALA A 415 -13.86 -1.01 32.09
CA ALA A 415 -12.64 -0.26 32.39
C ALA A 415 -12.80 1.20 31.99
N LEU A 416 -12.25 2.10 32.80
CA LEU A 416 -12.31 3.54 32.55
C LEU A 416 -10.92 4.10 32.27
N ILE A 417 -10.81 4.95 31.25
CA ILE A 417 -9.55 5.58 30.91
C ILE A 417 -9.75 7.10 30.94
N GLY A 418 -8.82 7.80 31.60
CA GLY A 418 -8.91 9.25 31.70
C GLY A 418 -8.69 9.88 30.34
N THR A 419 -9.48 10.90 29.99
CA THR A 419 -9.38 11.53 28.67
C THR A 419 -9.14 13.05 28.73
N ASP A 420 -8.62 13.55 29.84
CA ASP A 420 -8.42 14.98 29.96
C ASP A 420 -6.99 15.39 30.36
N PRO A 421 -6.07 15.45 29.37
CA PRO A 421 -4.67 15.83 29.57
C PRO A 421 -4.52 17.24 30.15
N GLU A 422 -5.44 18.13 29.80
CA GLU A 422 -5.38 19.52 30.25
C GLU A 422 -5.81 19.74 31.69
N GLY A 423 -7.01 19.27 32.04
CA GLY A 423 -7.53 19.46 33.38
C GLY A 423 -7.18 18.38 34.38
N HIS A 424 -6.93 17.16 33.92
CA HIS A 424 -6.58 16.05 34.80
C HIS A 424 -5.37 15.29 34.24
N PRO A 425 -4.21 15.98 34.11
CA PRO A 425 -2.97 15.41 33.58
C PRO A 425 -2.50 14.09 34.20
N ASP A 426 -2.70 13.94 35.51
CA ASP A 426 -2.28 12.72 36.20
C ASP A 426 -3.15 11.51 35.86
N ASN A 427 -4.40 11.77 35.46
CA ASN A 427 -5.32 10.70 35.13
C ASN A 427 -5.35 10.37 33.65
N ALA A 428 -4.81 11.26 32.83
CA ALA A 428 -4.81 11.09 31.38
C ALA A 428 -4.18 9.83 30.83
N TRP A 429 -4.98 9.10 30.04
CA TRP A 429 -4.56 7.86 29.39
C TRP A 429 -4.11 6.74 30.31
N LYS A 430 -4.69 6.69 31.51
CA LYS A 430 -4.38 5.65 32.47
C LYS A 430 -5.70 4.98 32.80
N ILE A 431 -5.67 3.67 33.03
CA ILE A 431 -6.86 2.91 33.41
C ILE A 431 -7.04 3.24 34.89
N LEU A 432 -8.07 4.02 35.16
CA LEU A 432 -8.35 4.50 36.51
C LEU A 432 -9.18 3.59 37.40
N ASP A 433 -9.97 2.72 36.81
CA ASP A 433 -10.81 1.82 37.58
C ASP A 433 -11.31 0.71 36.67
N SER A 434 -11.61 -0.43 37.28
CA SER A 434 -12.09 -1.61 36.59
C SER A 434 -13.01 -2.33 37.57
N PHE A 435 -14.26 -2.53 37.17
CA PHE A 435 -15.25 -3.18 38.02
C PHE A 435 -16.18 -4.09 37.22
N PRO A 436 -16.84 -5.06 37.88
CA PRO A 436 -17.75 -5.97 37.19
C PRO A 436 -19.15 -5.43 36.91
N ALA A 437 -19.77 -5.98 35.87
CA ALA A 437 -21.13 -5.64 35.48
C ALA A 437 -21.88 -6.99 35.53
N LEU A 438 -22.84 -7.22 34.66
CA LEU A 438 -23.61 -8.46 34.67
C LEU A 438 -22.85 -9.76 34.47
N GLY A 439 -22.00 -9.80 33.44
CA GLY A 439 -21.24 -10.98 33.16
C GLY A 439 -20.49 -10.82 31.86
N GLY A 440 -19.77 -11.87 31.47
CA GLY A 440 -19.01 -11.84 30.23
C GLY A 440 -19.93 -11.83 29.02
N GLY A 441 -19.37 -11.53 27.85
CA GLY A 441 -20.17 -11.51 26.64
C GLY A 441 -20.80 -10.15 26.35
N SER A 442 -20.26 -9.09 26.96
CA SER A 442 -20.81 -7.76 26.74
C SER A 442 -20.33 -7.20 25.39
N LEU A 443 -21.21 -6.46 24.72
CA LEU A 443 -20.85 -5.88 23.43
C LEU A 443 -20.86 -4.35 23.43
N PHE A 444 -21.84 -3.75 24.09
CA PHE A 444 -21.96 -2.29 24.09
C PHE A 444 -22.21 -1.66 25.45
N ILE A 445 -21.61 -0.49 25.63
CA ILE A 445 -21.73 0.30 26.83
C ILE A 445 -22.27 1.64 26.34
N LYS A 446 -23.16 2.26 27.10
CA LYS A 446 -23.72 3.51 26.60
C LYS A 446 -24.14 4.52 27.65
N THR A 447 -24.04 5.78 27.25
CA THR A 447 -24.48 6.90 28.06
C THR A 447 -24.74 8.10 27.13
N HIS A 448 -25.16 9.21 27.70
CA HIS A 448 -25.47 10.43 26.94
C HIS A 448 -25.20 11.58 27.90
N PRO A 449 -24.81 12.77 27.39
CA PRO A 449 -24.53 13.92 28.26
C PRO A 449 -25.64 14.31 29.25
N ASN A 450 -26.91 14.09 28.88
CA ASN A 450 -28.03 14.43 29.75
C ASN A 450 -28.45 13.32 30.72
N SER A 451 -27.77 12.17 30.66
CA SER A 451 -28.06 11.03 31.54
C SER A 451 -27.02 10.89 32.65
N GLN A 452 -27.44 10.33 33.78
CA GLN A 452 -26.53 10.09 34.89
C GLN A 452 -26.25 8.60 34.99
N TYR A 453 -26.71 7.84 33.97
CA TYR A 453 -26.56 6.40 33.96
C TYR A 453 -25.66 5.84 32.88
N LEU A 454 -25.04 4.69 33.20
CA LEU A 454 -24.14 3.99 32.27
C LEU A 454 -24.76 2.61 32.06
N TYR A 455 -25.20 2.33 30.84
CA TYR A 455 -25.85 1.05 30.50
C TYR A 455 -24.88 0.06 29.88
N VAL A 456 -24.88 -1.17 30.37
CA VAL A 456 -23.98 -2.21 29.87
C VAL A 456 -24.75 -3.49 29.57
N ASP A 457 -24.66 -3.98 28.34
CA ASP A 457 -25.35 -5.21 27.99
C ASP A 457 -24.46 -6.44 28.24
N ALA A 458 -24.97 -7.63 27.95
CA ALA A 458 -24.23 -8.87 28.13
C ALA A 458 -24.77 -9.83 27.08
N THR A 459 -24.89 -9.30 25.86
CA THR A 459 -25.46 -10.01 24.72
C THR A 459 -25.05 -11.45 24.50
N LEU A 460 -23.75 -11.72 24.56
CA LEU A 460 -23.25 -13.05 24.30
C LEU A 460 -23.15 -13.99 25.51
N ASN A 461 -23.70 -13.60 26.66
CA ASN A 461 -23.64 -14.46 27.83
C ASN A 461 -24.49 -15.69 27.56
N PRO A 462 -23.96 -16.89 27.87
CA PRO A 462 -24.69 -18.15 27.65
C PRO A 462 -25.96 -18.31 28.49
N GLU A 463 -26.01 -17.62 29.62
CA GLU A 463 -27.16 -17.69 30.52
C GLU A 463 -28.27 -16.72 30.09
N ALA A 464 -29.43 -17.27 29.74
CA ALA A 464 -30.57 -16.49 29.28
C ALA A 464 -30.98 -15.33 30.18
N GLU A 465 -30.93 -15.53 31.49
CA GLU A 465 -31.29 -14.46 32.44
C GLU A 465 -30.37 -13.25 32.30
N ILE A 466 -29.11 -13.53 31.98
CA ILE A 466 -28.10 -12.48 31.84
C ILE A 466 -28.15 -11.84 30.45
N SER A 467 -28.19 -12.65 29.39
CA SER A 467 -28.22 -12.12 28.03
C SER A 467 -29.48 -11.29 27.77
N GLY A 468 -30.52 -11.53 28.56
CA GLY A 468 -31.77 -10.81 28.40
C GLY A 468 -31.91 -9.62 29.32
N SER A 469 -30.81 -9.20 29.95
CA SER A 469 -30.84 -8.07 30.87
C SER A 469 -29.72 -7.07 30.59
N VAL A 470 -29.79 -5.93 31.28
CA VAL A 470 -28.82 -4.85 31.15
C VAL A 470 -28.46 -4.31 32.53
N ALA A 471 -27.17 -4.04 32.73
CA ALA A 471 -26.68 -3.49 34.00
C ALA A 471 -26.65 -1.97 33.84
N VAL A 472 -27.10 -1.26 34.87
CA VAL A 472 -27.12 0.20 34.86
C VAL A 472 -26.38 0.76 36.10
N PHE A 473 -25.33 1.53 35.85
CA PHE A 473 -24.55 2.15 36.92
C PHE A 473 -24.93 3.61 37.06
N ASP A 474 -25.05 4.08 38.29
CA ASP A 474 -25.37 5.49 38.55
C ASP A 474 -24.01 6.18 38.62
N ILE A 475 -23.72 6.98 37.58
CA ILE A 475 -22.47 7.70 37.50
C ILE A 475 -22.20 8.56 38.74
N LYS A 476 -23.23 9.29 39.19
CA LYS A 476 -23.10 10.19 40.34
C LYS A 476 -22.71 9.47 41.63
N ALA A 477 -23.04 8.18 41.75
CA ALA A 477 -22.68 7.42 42.93
C ALA A 477 -21.27 6.80 42.89
N MET A 478 -20.56 6.98 41.79
CA MET A 478 -19.21 6.43 41.67
C MET A 478 -18.20 7.30 42.44
N THR A 479 -17.35 6.65 43.22
CA THR A 479 -16.36 7.35 44.01
C THR A 479 -14.95 7.02 43.58
N GLY A 480 -14.78 5.87 42.92
CA GLY A 480 -13.47 5.46 42.48
C GLY A 480 -12.54 5.19 43.65
N ASP A 481 -13.09 4.66 44.74
CA ASP A 481 -12.29 4.35 45.93
C ASP A 481 -11.79 2.91 45.95
N GLY A 482 -12.02 2.18 44.87
CA GLY A 482 -11.59 0.79 44.81
C GLY A 482 -12.73 -0.20 45.02
N SER A 483 -13.84 0.28 45.56
CA SER A 483 -14.99 -0.58 45.79
C SER A 483 -15.72 -0.73 44.46
N ASP A 484 -16.38 -1.86 44.26
CA ASP A 484 -17.12 -2.08 43.03
C ASP A 484 -18.46 -1.36 43.09
N PRO A 485 -18.70 -0.42 42.18
CA PRO A 485 -19.96 0.33 42.15
C PRO A 485 -21.11 -0.64 41.95
N GLU A 486 -22.21 -0.45 42.65
CA GLU A 486 -23.33 -1.36 42.47
C GLU A 486 -24.17 -0.90 41.29
N PHE A 487 -24.82 -1.84 40.65
CA PHE A 487 -25.65 -1.54 39.50
C PHE A 487 -27.03 -2.14 39.66
N LYS A 488 -27.97 -1.59 38.90
CA LYS A 488 -29.33 -2.09 38.89
C LYS A 488 -29.47 -2.95 37.65
N THR A 489 -30.23 -4.03 37.74
CA THR A 489 -30.44 -4.90 36.62
C THR A 489 -31.83 -4.70 36.03
N LEU A 490 -31.89 -4.41 34.74
CA LEU A 490 -33.15 -4.19 34.04
C LEU A 490 -33.47 -5.44 33.24
N PRO A 491 -34.59 -6.12 33.56
CA PRO A 491 -35.00 -7.34 32.86
C PRO A 491 -35.69 -6.98 31.53
N ILE A 492 -34.89 -6.47 30.59
CA ILE A 492 -35.37 -6.04 29.27
C ILE A 492 -36.20 -7.08 28.51
N ALA A 493 -35.67 -8.29 28.36
CA ALA A 493 -36.40 -9.35 27.65
C ALA A 493 -37.72 -9.70 28.33
N GLU A 494 -37.69 -9.74 29.67
CA GLU A 494 -38.87 -10.03 30.48
C GLU A 494 -39.91 -8.94 30.24
N TRP A 495 -39.45 -7.69 30.22
CA TRP A 495 -40.34 -6.55 29.97
C TRP A 495 -41.01 -6.67 28.61
N ALA A 496 -40.27 -7.18 27.62
CA ALA A 496 -40.79 -7.36 26.26
C ALA A 496 -41.80 -8.50 26.18
N GLY A 497 -41.87 -9.30 27.24
CA GLY A 497 -42.78 -10.42 27.26
C GLY A 497 -42.34 -11.50 26.30
N ILE A 498 -41.03 -11.71 26.18
CA ILE A 498 -40.50 -12.75 25.30
C ILE A 498 -39.70 -13.76 26.09
N THR A 499 -40.14 -15.02 26.02
CA THR A 499 -39.51 -16.15 26.70
C THR A 499 -39.09 -17.22 25.66
N GLU A 500 -39.79 -17.25 24.53
CA GLU A 500 -39.48 -18.21 23.45
C GLU A 500 -38.09 -17.94 22.92
N GLY A 501 -37.29 -19.01 22.82
CA GLY A 501 -35.91 -18.88 22.38
C GLY A 501 -35.14 -18.17 23.47
N GLN A 502 -33.87 -17.86 23.21
CA GLN A 502 -33.09 -17.14 24.21
C GLN A 502 -32.82 -15.79 23.58
N PRO A 503 -33.76 -14.85 23.75
CA PRO A 503 -33.54 -13.52 23.16
C PRO A 503 -32.31 -12.86 23.77
N ARG A 504 -31.55 -12.16 22.95
CA ARG A 504 -30.36 -11.50 23.44
C ARG A 504 -30.55 -10.00 23.31
N VAL A 505 -30.40 -9.30 24.42
CA VAL A 505 -30.54 -7.85 24.43
C VAL A 505 -29.21 -7.24 23.96
N VAL A 506 -29.28 -6.28 23.05
CA VAL A 506 -28.04 -5.68 22.53
C VAL A 506 -28.15 -4.21 22.18
N GLN A 507 -27.06 -3.50 22.50
CA GLN A 507 -26.88 -2.09 22.17
C GLN A 507 -27.88 -1.04 22.59
N GLY A 508 -27.54 -0.27 23.62
CA GLY A 508 -28.43 0.80 24.03
C GLY A 508 -28.16 1.95 23.08
N GLU A 509 -29.18 2.75 22.79
CA GLU A 509 -29.06 3.91 21.91
C GLU A 509 -30.07 4.94 22.38
N PHE A 510 -29.60 6.16 22.63
CA PHE A 510 -30.49 7.22 23.12
C PHE A 510 -31.22 8.01 22.04
N ASN A 511 -32.27 8.71 22.45
CA ASN A 511 -33.00 9.56 21.52
C ASN A 511 -32.28 10.90 21.48
N LYS A 512 -32.77 11.84 20.66
CA LYS A 512 -32.12 13.14 20.52
C LYS A 512 -31.86 13.92 21.81
N ASP A 513 -32.80 13.89 22.74
CA ASP A 513 -32.69 14.60 24.00
C ASP A 513 -31.97 13.84 25.13
N GLY A 514 -31.75 12.54 24.91
CA GLY A 514 -31.10 11.73 25.93
C GLY A 514 -32.03 11.45 27.10
N THR A 515 -33.33 11.42 26.82
CA THR A 515 -34.35 11.16 27.84
C THR A 515 -34.84 9.71 27.85
N GLU A 516 -34.59 9.01 26.74
CA GLU A 516 -35.02 7.62 26.61
C GLU A 516 -33.92 6.83 25.92
N VAL A 517 -33.78 5.56 26.30
CA VAL A 517 -32.76 4.70 25.71
C VAL A 517 -33.43 3.43 25.18
N TRP A 518 -33.07 3.06 23.95
CA TRP A 518 -33.63 1.90 23.27
C TRP A 518 -32.69 0.71 23.29
N PHE A 519 -33.26 -0.48 23.35
CA PHE A 519 -32.49 -1.72 23.33
C PHE A 519 -33.18 -2.67 22.37
N SER A 520 -32.40 -3.50 21.68
CA SER A 520 -32.98 -4.49 20.78
C SER A 520 -33.10 -5.81 21.55
N VAL A 521 -34.21 -6.51 21.38
CA VAL A 521 -34.38 -7.83 22.00
C VAL A 521 -34.33 -8.71 20.75
N TRP A 522 -33.11 -9.09 20.44
CA TRP A 522 -32.74 -9.89 19.27
C TRP A 522 -33.03 -11.38 19.38
N ASN A 523 -34.03 -11.82 18.63
CA ASN A 523 -34.39 -13.23 18.62
C ASN A 523 -34.25 -13.75 17.19
N GLY A 524 -34.43 -15.05 17.01
CA GLY A 524 -34.31 -15.65 15.70
C GLY A 524 -35.31 -15.16 14.66
N LYS A 525 -34.95 -15.37 13.39
CA LYS A 525 -35.77 -14.96 12.24
C LYS A 525 -37.22 -15.43 12.29
N ASP A 526 -37.46 -16.61 12.87
CA ASP A 526 -38.82 -17.13 12.97
C ASP A 526 -39.33 -17.09 14.41
N GLN A 527 -38.60 -16.37 15.25
CA GLN A 527 -38.94 -16.20 16.65
C GLN A 527 -39.45 -14.77 16.80
N GLU A 528 -39.91 -14.44 18.01
CA GLU A 528 -40.45 -13.13 18.28
C GLU A 528 -39.39 -12.18 18.84
N SER A 529 -39.26 -11.01 18.23
CA SER A 529 -38.31 -9.99 18.66
C SER A 529 -39.06 -8.72 19.03
N ALA A 530 -38.34 -7.74 19.57
CA ALA A 530 -38.94 -6.47 19.96
C ALA A 530 -37.87 -5.43 20.23
N LEU A 531 -38.32 -4.20 20.42
CA LEU A 531 -37.45 -3.08 20.79
C LEU A 531 -38.04 -2.60 22.10
N VAL A 532 -37.19 -2.33 23.09
CA VAL A 532 -37.68 -1.86 24.37
C VAL A 532 -37.14 -0.47 24.63
N VAL A 533 -38.04 0.44 24.96
CA VAL A 533 -37.69 1.82 25.24
C VAL A 533 -37.79 2.01 26.76
N VAL A 534 -36.70 2.51 27.35
CA VAL A 534 -36.61 2.73 28.79
C VAL A 534 -36.54 4.23 29.10
N ASP A 535 -37.28 4.67 30.11
CA ASP A 535 -37.25 6.07 30.52
C ASP A 535 -35.96 6.27 31.31
N ASP A 536 -35.06 7.10 30.78
CA ASP A 536 -33.76 7.32 31.41
C ASP A 536 -33.79 7.89 32.83
N LYS A 537 -34.71 8.80 33.10
CA LYS A 537 -34.77 9.42 34.43
C LYS A 537 -35.26 8.50 35.55
N THR A 538 -36.17 7.58 35.22
CA THR A 538 -36.75 6.70 36.22
C THR A 538 -36.31 5.24 36.14
N LEU A 539 -35.70 4.86 35.01
CA LEU A 539 -35.25 3.49 34.77
C LEU A 539 -36.41 2.50 34.68
N GLU A 540 -37.56 3.01 34.26
CA GLU A 540 -38.77 2.19 34.11
C GLU A 540 -39.08 1.97 32.63
N LEU A 541 -39.84 0.92 32.35
CA LEU A 541 -40.26 0.58 31.01
C LEU A 541 -41.13 1.72 30.49
N LYS A 542 -40.85 2.15 29.27
CA LYS A 542 -41.60 3.23 28.66
C LYS A 542 -42.50 2.68 27.56
N HIS A 543 -41.96 1.80 26.72
CA HIS A 543 -42.74 1.26 25.63
C HIS A 543 -42.07 0.02 25.05
N VAL A 544 -42.89 -0.91 24.55
CA VAL A 544 -42.40 -2.13 23.93
C VAL A 544 -42.89 -2.04 22.48
N ILE A 545 -41.96 -2.10 21.53
CA ILE A 545 -42.32 -2.03 20.12
C ILE A 545 -42.28 -3.44 19.55
N LYS A 546 -43.41 -3.90 19.04
CA LYS A 546 -43.53 -5.21 18.43
C LYS A 546 -44.32 -5.00 17.16
N ASP A 547 -43.92 -5.70 16.10
CA ASP A 547 -44.58 -5.59 14.80
C ASP A 547 -44.09 -6.77 13.98
N GLU A 548 -44.97 -7.35 13.16
CA GLU A 548 -44.60 -8.48 12.33
C GLU A 548 -43.39 -8.20 11.44
N ARG A 549 -43.24 -6.94 11.04
CA ARG A 549 -42.14 -6.50 10.18
C ARG A 549 -40.79 -6.38 10.90
N LEU A 550 -40.82 -6.29 12.23
CA LEU A 550 -39.61 -6.16 13.04
C LEU A 550 -38.91 -7.50 13.23
N VAL A 551 -38.19 -7.95 12.19
CA VAL A 551 -37.48 -9.23 12.19
C VAL A 551 -36.00 -9.03 12.57
N THR A 552 -35.52 -9.85 13.50
CA THR A 552 -34.13 -9.81 13.99
C THR A 552 -33.54 -8.38 14.07
N PRO A 553 -34.10 -7.54 14.95
CA PRO A 553 -33.60 -6.17 15.09
C PRO A 553 -32.28 -6.20 15.84
N THR A 554 -31.26 -5.53 15.29
CA THR A 554 -29.95 -5.51 15.95
C THR A 554 -29.51 -4.05 16.14
N GLY A 555 -28.69 -3.52 15.25
CA GLY A 555 -28.24 -2.15 15.40
C GLY A 555 -29.31 -1.08 15.28
N LYS A 556 -29.25 -0.08 16.14
CA LYS A 556 -30.20 1.04 16.11
C LYS A 556 -29.37 2.32 16.15
N PHE A 557 -29.70 3.28 15.30
CA PHE A 557 -28.95 4.52 15.28
C PHE A 557 -29.85 5.75 15.16
N ASN A 558 -29.81 6.57 16.21
CA ASN A 558 -30.57 7.80 16.26
C ASN A 558 -29.85 8.78 15.34
N VAL A 559 -30.60 9.42 14.46
CA VAL A 559 -30.03 10.35 13.50
C VAL A 559 -29.16 11.44 14.13
N TYR A 560 -29.71 12.19 15.08
CA TYR A 560 -28.96 13.25 15.71
C TYR A 560 -27.67 12.78 16.40
N ASN A 561 -27.77 11.74 17.22
CA ASN A 561 -26.61 11.25 17.97
C ASN A 561 -25.52 10.64 17.11
N THR A 562 -25.93 10.13 15.94
CA THR A 562 -24.98 9.53 15.01
C THR A 562 -24.28 10.64 14.17
N MET A 563 -25.04 11.61 13.67
CA MET A 563 -24.41 12.65 12.85
C MET A 563 -23.49 13.55 13.66
N THR A 564 -23.75 13.68 14.95
CA THR A 564 -22.92 14.54 15.80
C THR A 564 -21.86 13.80 16.62
N ASP A 565 -21.88 12.47 16.58
CA ASP A 565 -20.95 11.66 17.36
C ASP A 565 -21.14 11.95 18.86
N THR A 566 -22.40 11.90 19.29
CA THR A 566 -22.73 12.14 20.69
C THR A 566 -22.85 10.81 21.43
N TYR A 567 -21.83 10.50 22.21
CA TYR A 567 -21.77 9.27 23.01
C TYR A 567 -20.65 9.42 24.04
N GLU B 26 13.69 -3.47 -20.78
CA GLU B 26 13.08 -4.29 -19.71
C GLU B 26 14.15 -5.05 -18.93
N PRO B 27 13.98 -5.14 -17.61
CA PRO B 27 14.92 -5.84 -16.74
C PRO B 27 15.15 -7.33 -16.89
N SER B 28 16.33 -7.74 -16.49
CA SER B 28 16.73 -9.13 -16.47
C SER B 28 16.83 -9.40 -14.98
N LEU B 29 16.04 -10.34 -14.47
CA LEU B 29 16.06 -10.62 -13.04
C LEU B 29 16.87 -11.88 -12.73
N ASP B 30 18.13 -11.88 -13.17
CA ASP B 30 19.02 -13.02 -12.98
C ASP B 30 19.34 -13.48 -11.56
N ASN B 31 19.19 -12.60 -10.56
CA ASN B 31 19.46 -13.03 -9.19
C ASN B 31 18.27 -13.87 -8.72
N LEU B 32 17.07 -13.54 -9.20
CA LEU B 32 15.89 -14.31 -8.84
C LEU B 32 15.99 -15.66 -9.56
N ALA B 33 16.52 -15.62 -10.78
CA ALA B 33 16.69 -16.81 -11.60
C ALA B 33 17.52 -17.88 -10.90
N GLN B 34 18.56 -17.46 -10.17
CA GLN B 34 19.42 -18.41 -9.45
C GLN B 34 18.76 -19.05 -8.23
N GLN B 35 17.45 -18.84 -8.07
CA GLN B 35 16.71 -19.44 -6.96
C GLN B 35 16.23 -20.83 -7.39
N ASP B 36 16.54 -21.84 -6.58
CA ASP B 36 16.13 -23.20 -6.88
C ASP B 36 14.76 -23.44 -6.27
N VAL B 37 13.81 -23.91 -7.08
CA VAL B 37 12.45 -24.18 -6.60
C VAL B 37 11.99 -25.60 -6.93
N ALA B 38 11.12 -26.16 -6.11
CA ALA B 38 10.61 -27.51 -6.34
C ALA B 38 9.51 -27.46 -7.40
N ALA B 39 9.55 -28.41 -8.32
CA ALA B 39 8.56 -28.48 -9.40
C ALA B 39 7.18 -28.80 -8.85
N PRO B 40 6.16 -28.05 -9.29
CA PRO B 40 4.79 -28.29 -8.82
C PRO B 40 4.16 -29.44 -9.59
N GLY B 41 3.10 -30.00 -9.03
CA GLY B 41 2.41 -31.08 -9.71
C GLY B 41 1.67 -30.50 -10.90
N ALA B 42 1.30 -31.38 -11.83
CA ALA B 42 0.56 -30.97 -13.01
C ALA B 42 -0.91 -31.27 -12.83
N PRO B 43 -1.78 -30.27 -13.09
CA PRO B 43 -3.21 -30.45 -12.95
C PRO B 43 -3.80 -31.14 -14.18
N GLU B 44 -5.13 -31.13 -14.27
CA GLU B 44 -5.87 -31.74 -15.36
C GLU B 44 -5.48 -31.16 -16.72
N GLY B 45 -5.18 -32.06 -17.65
CA GLY B 45 -4.81 -31.66 -19.00
C GLY B 45 -3.42 -31.08 -19.16
N VAL B 46 -2.57 -31.20 -18.15
CA VAL B 46 -1.22 -30.65 -18.24
C VAL B 46 -0.17 -31.73 -17.94
N THR B 47 0.96 -31.67 -18.65
CA THR B 47 2.05 -32.61 -18.48
C THR B 47 2.99 -32.05 -17.41
N ALA B 48 3.52 -32.92 -16.56
CA ALA B 48 4.41 -32.51 -15.48
C ALA B 48 5.88 -32.45 -15.91
N LEU B 49 6.63 -31.56 -15.25
CA LEU B 49 8.06 -31.43 -15.51
C LEU B 49 8.81 -31.94 -14.28
N SER B 50 9.98 -32.52 -14.49
CA SER B 50 10.78 -33.01 -13.37
C SER B 50 11.36 -31.77 -12.68
N ASP B 51 11.89 -31.95 -11.48
CA ASP B 51 12.48 -30.83 -10.74
C ASP B 51 13.56 -30.15 -11.57
N ALA B 52 14.34 -30.95 -12.29
CA ALA B 52 15.44 -30.44 -13.13
C ALA B 52 14.90 -29.62 -14.31
N GLN B 53 13.88 -30.14 -14.99
CA GLN B 53 13.28 -29.45 -16.12
C GLN B 53 12.64 -28.14 -15.66
N TYR B 54 11.89 -28.21 -14.56
CA TYR B 54 11.21 -27.03 -14.05
C TYR B 54 12.20 -25.93 -13.67
N ASN B 55 13.25 -26.30 -12.94
CA ASN B 55 14.26 -25.34 -12.53
C ASN B 55 15.01 -24.72 -13.70
N GLU B 56 15.24 -25.50 -14.74
CA GLU B 56 15.92 -24.99 -15.93
C GLU B 56 15.01 -23.94 -16.55
N ALA B 57 13.73 -24.28 -16.68
CA ALA B 57 12.73 -23.37 -17.25
C ALA B 57 12.52 -22.13 -16.36
N ASN B 58 12.63 -22.32 -15.05
CA ASN B 58 12.44 -21.23 -14.10
C ASN B 58 13.55 -20.19 -14.22
N LYS B 59 14.79 -20.64 -14.33
CA LYS B 59 15.92 -19.74 -14.47
C LYS B 59 15.79 -18.91 -15.75
N ILE B 60 15.38 -19.57 -16.83
CA ILE B 60 15.17 -18.87 -18.11
C ILE B 60 14.09 -17.80 -17.93
N TYR B 61 12.97 -18.18 -17.32
CA TYR B 61 11.88 -17.25 -17.13
C TYR B 61 12.30 -15.94 -16.44
N PHE B 62 12.98 -16.05 -15.31
CA PHE B 62 13.41 -14.87 -14.57
C PHE B 62 14.51 -14.06 -15.25
N GLU B 63 15.37 -14.74 -16.00
CA GLU B 63 16.44 -14.07 -16.72
C GLU B 63 16.00 -13.39 -18.00
N ARG B 64 15.03 -13.99 -18.70
CA ARG B 64 14.60 -13.46 -19.98
C ARG B 64 13.17 -13.00 -20.14
N CYS B 65 12.24 -13.55 -19.38
CA CYS B 65 10.82 -13.21 -19.54
C CYS B 65 10.16 -12.33 -18.47
N ALA B 66 10.56 -12.51 -17.22
CA ALA B 66 9.97 -11.79 -16.10
C ALA B 66 10.03 -10.26 -16.17
N GLY B 67 10.97 -9.72 -16.95
CA GLY B 67 11.07 -8.28 -17.07
C GLY B 67 9.83 -7.71 -17.73
N CYS B 68 9.36 -8.37 -18.80
CA CYS B 68 8.17 -7.87 -19.49
C CYS B 68 6.87 -8.49 -19.00
N HIS B 69 6.92 -9.75 -18.55
CA HIS B 69 5.71 -10.42 -18.10
C HIS B 69 5.46 -10.42 -16.61
N GLY B 70 6.44 -9.96 -15.84
CA GLY B 70 6.29 -9.91 -14.40
C GLY B 70 6.74 -11.17 -13.68
N VAL B 71 7.24 -10.99 -12.46
CA VAL B 71 7.70 -12.09 -11.62
C VAL B 71 6.55 -13.06 -11.32
N LEU B 72 5.35 -12.51 -11.15
CA LEU B 72 4.16 -13.30 -10.83
C LEU B 72 3.36 -13.68 -12.07
N ARG B 73 3.89 -13.32 -13.24
CA ARG B 73 3.27 -13.61 -14.52
C ARG B 73 1.95 -12.83 -14.69
N LYS B 74 1.81 -11.77 -13.90
CA LYS B 74 0.61 -10.93 -13.94
C LYS B 74 0.65 -9.89 -15.06
N GLY B 75 1.79 -9.77 -15.73
CA GLY B 75 1.91 -8.83 -16.83
C GLY B 75 2.45 -7.46 -16.45
N ALA B 76 3.16 -6.87 -17.40
CA ALA B 76 3.75 -5.54 -17.24
C ALA B 76 3.76 -4.95 -18.64
N THR B 77 4.84 -5.15 -19.37
CA THR B 77 4.94 -4.68 -20.74
C THR B 77 4.22 -5.75 -21.58
N GLY B 78 4.52 -7.00 -21.24
CA GLY B 78 3.91 -8.13 -21.92
C GLY B 78 2.63 -8.56 -21.22
N LYS B 79 1.86 -9.38 -21.90
CA LYS B 79 0.61 -9.90 -21.37
C LYS B 79 0.80 -10.76 -20.13
N ALA B 80 -0.31 -11.05 -19.46
CA ALA B 80 -0.29 -11.89 -18.27
C ALA B 80 -0.14 -13.33 -18.80
N LEU B 81 0.61 -14.14 -18.07
CA LEU B 81 0.83 -15.54 -18.47
C LEU B 81 0.43 -16.49 -17.35
N THR B 82 -0.61 -16.13 -16.60
CA THR B 82 -1.08 -16.96 -15.49
C THR B 82 -1.83 -18.19 -16.03
N PRO B 83 -1.77 -19.31 -15.29
CA PRO B 83 -2.40 -20.59 -15.63
C PRO B 83 -3.83 -20.50 -16.16
N ASP B 84 -4.66 -19.68 -15.53
CA ASP B 84 -6.04 -19.51 -15.98
C ASP B 84 -6.12 -19.11 -17.45
N LEU B 85 -5.17 -18.27 -17.88
CA LEU B 85 -5.14 -17.80 -19.26
C LEU B 85 -4.39 -18.75 -20.20
N THR B 86 -3.23 -19.22 -19.78
CA THR B 86 -2.41 -20.09 -20.61
C THR B 86 -3.01 -21.46 -20.90
N ARG B 87 -3.64 -22.06 -19.91
CA ARG B 87 -4.26 -23.37 -20.09
C ARG B 87 -5.36 -23.33 -21.13
N ASP B 88 -5.99 -22.17 -21.28
CA ASP B 88 -7.05 -22.00 -22.27
C ASP B 88 -6.43 -21.91 -23.67
N LEU B 89 -5.25 -21.28 -23.74
CA LEU B 89 -4.54 -21.13 -25.01
C LEU B 89 -3.97 -22.47 -25.48
N GLY B 90 -3.47 -23.27 -24.54
CA GLY B 90 -2.92 -24.57 -24.88
C GLY B 90 -1.45 -24.57 -25.28
N PHE B 91 -0.82 -25.73 -25.14
CA PHE B 91 0.58 -25.93 -25.45
C PHE B 91 1.03 -25.46 -26.84
N ASP B 92 0.31 -25.87 -27.86
CA ASP B 92 0.69 -25.50 -29.22
C ASP B 92 0.74 -24.00 -29.48
N TYR B 93 -0.24 -23.27 -28.96
CA TYR B 93 -0.28 -21.82 -29.10
C TYR B 93 0.97 -21.19 -28.47
N LEU B 94 1.26 -21.61 -27.24
CA LEU B 94 2.41 -21.12 -26.51
C LEU B 94 3.72 -21.45 -27.23
N GLN B 95 3.86 -22.70 -27.61
CA GLN B 95 5.05 -23.17 -28.32
C GLN B 95 5.34 -22.30 -29.54
N SER B 96 4.32 -22.03 -30.35
CA SER B 96 4.50 -21.22 -31.55
C SER B 96 4.87 -19.77 -31.25
N PHE B 97 4.18 -19.17 -30.28
CA PHE B 97 4.44 -17.78 -29.91
C PHE B 97 5.86 -17.57 -29.40
N ILE B 98 6.33 -18.47 -28.54
CA ILE B 98 7.68 -18.38 -27.99
C ILE B 98 8.68 -18.57 -29.14
N THR B 99 8.36 -19.46 -30.07
CA THR B 99 9.22 -19.74 -31.20
C THR B 99 9.36 -18.57 -32.19
N TYR B 100 8.23 -18.10 -32.71
CA TYR B 100 8.22 -17.04 -33.72
C TYR B 100 8.12 -15.60 -33.30
N ALA B 101 7.71 -15.34 -32.06
CA ALA B 101 7.57 -13.97 -31.58
C ALA B 101 6.33 -13.31 -32.14
N SER B 102 6.33 -11.99 -32.11
CA SER B 102 5.22 -11.18 -32.59
C SER B 102 5.77 -9.78 -32.87
N PRO B 103 5.12 -9.03 -33.77
CA PRO B 103 5.55 -7.67 -34.11
C PRO B 103 5.23 -6.69 -32.97
N ALA B 104 4.21 -7.02 -32.19
CA ALA B 104 3.80 -6.20 -31.06
C ALA B 104 4.86 -6.05 -29.96
N GLY B 105 5.89 -6.88 -29.99
CA GLY B 105 6.93 -6.75 -28.99
C GLY B 105 7.50 -8.04 -28.43
N MET B 106 6.84 -9.15 -28.69
CA MET B 106 7.31 -10.45 -28.22
C MET B 106 8.47 -10.96 -29.08
N PRO B 107 9.65 -11.20 -28.48
CA PRO B 107 10.85 -11.69 -29.17
C PRO B 107 10.78 -13.11 -29.75
N ASN B 108 11.44 -13.33 -30.89
CA ASN B 108 11.44 -14.64 -31.56
C ASN B 108 12.51 -15.56 -30.98
N TRP B 109 12.28 -16.00 -29.75
CA TRP B 109 13.22 -16.85 -29.03
C TRP B 109 13.63 -18.11 -29.79
N GLY B 110 12.69 -18.73 -30.46
CA GLY B 110 12.97 -19.94 -31.22
C GLY B 110 13.73 -19.70 -32.51
N THR B 111 13.13 -18.95 -33.43
CA THR B 111 13.75 -18.66 -34.73
C THR B 111 15.06 -17.89 -34.66
N SER B 112 15.25 -17.09 -33.61
CA SER B 112 16.48 -16.33 -33.46
C SER B 112 17.59 -17.28 -33.02
N GLY B 113 17.21 -18.41 -32.46
CA GLY B 113 18.17 -19.38 -31.97
C GLY B 113 18.58 -19.03 -30.55
N GLU B 114 17.93 -18.02 -29.98
CA GLU B 114 18.21 -17.58 -28.63
C GLU B 114 17.91 -18.70 -27.63
N LEU B 115 16.84 -19.45 -27.90
CA LEU B 115 16.44 -20.58 -27.06
C LEU B 115 16.38 -21.81 -27.96
N SER B 116 16.91 -22.93 -27.48
CA SER B 116 16.88 -24.18 -28.24
C SER B 116 15.44 -24.69 -28.32
N ALA B 117 15.20 -25.58 -29.29
CA ALA B 117 13.89 -26.18 -29.49
C ALA B 117 13.43 -26.83 -28.18
N GLU B 118 14.37 -27.45 -27.47
CA GLU B 118 14.06 -28.11 -26.20
C GLU B 118 13.64 -27.10 -25.13
N GLN B 119 14.31 -25.95 -25.10
CA GLN B 119 14.00 -24.90 -24.13
C GLN B 119 12.67 -24.23 -24.43
N VAL B 120 12.32 -24.12 -25.71
CA VAL B 120 11.05 -23.52 -26.09
C VAL B 120 9.91 -24.39 -25.54
N ASP B 121 10.03 -25.70 -25.72
CA ASP B 121 9.02 -26.64 -25.23
C ASP B 121 8.95 -26.55 -23.72
N LEU B 122 10.11 -26.46 -23.09
CA LEU B 122 10.20 -26.34 -21.64
C LEU B 122 9.43 -25.12 -21.16
N MET B 123 9.62 -23.99 -21.83
CA MET B 123 8.93 -22.75 -21.47
C MET B 123 7.43 -22.87 -21.66
N ALA B 124 7.00 -23.46 -22.78
CA ALA B 124 5.58 -23.65 -23.06
C ALA B 124 4.93 -24.48 -21.96
N ASN B 125 5.63 -25.53 -21.52
CA ASN B 125 5.15 -26.40 -20.46
C ASN B 125 5.10 -25.65 -19.14
N TYR B 126 6.19 -24.95 -18.85
CA TYR B 126 6.35 -24.16 -17.63
C TYR B 126 5.18 -23.17 -17.47
N LEU B 127 4.77 -22.54 -18.57
CA LEU B 127 3.70 -21.56 -18.53
C LEU B 127 2.33 -22.15 -18.23
N LEU B 128 2.17 -23.45 -18.44
CA LEU B 128 0.90 -24.12 -18.16
C LEU B 128 0.84 -24.54 -16.68
N LEU B 129 2.00 -24.60 -16.03
CA LEU B 129 2.08 -24.98 -14.63
C LEU B 129 1.89 -23.77 -13.69
N ASP B 130 1.69 -24.05 -12.41
CA ASP B 130 1.49 -23.02 -11.40
C ASP B 130 2.76 -22.18 -11.26
N PRO B 131 2.61 -20.85 -11.22
CA PRO B 131 3.76 -19.95 -11.08
C PRO B 131 4.52 -20.20 -9.78
N ALA B 132 5.85 -20.11 -9.84
CA ALA B 132 6.67 -20.28 -8.65
C ALA B 132 6.55 -18.99 -7.85
N ALA B 133 6.06 -19.07 -6.62
CA ALA B 133 5.92 -17.88 -5.79
C ALA B 133 7.23 -17.52 -5.11
N PRO B 134 7.88 -16.44 -5.57
CA PRO B 134 9.15 -16.06 -4.95
C PRO B 134 8.92 -15.65 -3.50
N PRO B 135 9.91 -15.85 -2.64
CA PRO B 135 9.75 -15.51 -1.23
C PRO B 135 9.71 -14.00 -0.94
N GLU B 136 9.04 -13.65 0.16
CA GLU B 136 8.97 -12.27 0.59
C GLU B 136 10.31 -12.02 1.30
N PHE B 137 10.55 -10.78 1.71
CA PHE B 137 11.79 -10.45 2.37
C PHE B 137 11.52 -9.28 3.30
N GLY B 138 11.16 -9.60 4.55
CA GLY B 138 10.83 -8.58 5.53
C GLY B 138 11.93 -8.28 6.54
N MET B 139 11.54 -7.65 7.64
CA MET B 139 12.45 -7.24 8.69
C MET B 139 13.35 -8.36 9.21
N LYS B 140 12.77 -9.51 9.51
CA LYS B 140 13.54 -10.65 10.02
C LYS B 140 14.67 -11.02 9.07
N GLU B 141 14.32 -11.16 7.79
CA GLU B 141 15.27 -11.53 6.74
C GLU B 141 16.37 -10.47 6.57
N MET B 142 15.98 -9.20 6.59
CA MET B 142 16.93 -8.11 6.44
C MET B 142 17.91 -8.07 7.61
N ARG B 143 17.39 -8.21 8.83
CA ARG B 143 18.24 -8.17 10.00
C ARG B 143 19.25 -9.31 10.04
N GLU B 144 18.86 -10.45 9.49
CA GLU B 144 19.76 -11.61 9.44
C GLU B 144 20.94 -11.35 8.51
N SER B 145 20.71 -10.54 7.47
CA SER B 145 21.75 -10.23 6.51
C SER B 145 22.55 -8.98 6.88
N TRP B 146 22.05 -8.24 7.86
CA TRP B 146 22.68 -7.01 8.30
C TRP B 146 23.99 -7.26 9.03
N LYS B 147 25.07 -6.69 8.50
CA LYS B 147 26.40 -6.84 9.10
C LYS B 147 27.10 -5.50 9.22
N VAL B 148 27.47 -5.13 10.44
CA VAL B 148 28.19 -3.88 10.68
C VAL B 148 29.65 -4.26 10.88
N HIS B 149 30.46 -4.04 9.86
CA HIS B 149 31.88 -4.38 9.90
C HIS B 149 32.68 -3.47 10.80
N VAL B 150 32.43 -2.17 10.72
CA VAL B 150 33.13 -1.22 11.55
C VAL B 150 32.08 -0.37 12.25
N ALA B 151 32.00 -0.49 13.57
CA ALA B 151 31.04 0.26 14.37
C ALA B 151 31.34 1.75 14.27
N PRO B 152 30.30 2.59 14.28
CA PRO B 152 30.48 4.04 14.19
C PRO B 152 31.53 4.58 15.18
N GLU B 153 31.62 3.96 16.35
CA GLU B 153 32.58 4.37 17.37
C GLU B 153 34.02 4.15 16.95
N ASP B 154 34.24 3.09 16.17
CA ASP B 154 35.58 2.73 15.72
C ASP B 154 35.99 3.36 14.39
N ARG B 155 35.15 4.23 13.85
CA ARG B 155 35.45 4.88 12.59
C ARG B 155 36.23 6.18 12.82
N PRO B 156 36.95 6.66 11.79
CA PRO B 156 37.74 7.89 11.89
C PRO B 156 36.87 9.09 12.28
N THR B 157 37.49 10.06 12.96
CA THR B 157 36.81 11.29 13.38
C THR B 157 37.04 12.39 12.34
N GLN B 158 37.97 12.12 11.43
CA GLN B 158 38.29 13.06 10.37
C GLN B 158 38.88 12.25 9.23
N GLN B 159 38.96 12.85 8.04
CA GLN B 159 39.50 12.14 6.88
C GLN B 159 40.94 11.74 7.19
N MET B 160 41.25 10.45 7.02
CA MET B 160 42.57 9.93 7.35
C MET B 160 43.41 9.70 6.11
N ASN B 161 42.85 9.78 4.92
CA ASN B 161 43.64 9.61 3.70
C ASN B 161 43.84 11.02 3.15
N ASP B 162 44.72 11.16 2.16
CA ASP B 162 44.98 12.48 1.59
C ASP B 162 44.29 12.70 0.22
N TRP B 163 43.32 11.85 -0.10
CA TRP B 163 42.60 11.94 -1.37
C TRP B 163 41.74 13.19 -1.47
N ASP B 164 41.44 13.59 -2.70
CA ASP B 164 40.55 14.73 -2.94
C ASP B 164 39.19 14.03 -3.15
N LEU B 165 38.50 13.77 -2.05
CA LEU B 165 37.23 13.07 -2.07
C LEU B 165 36.16 13.63 -2.99
N GLU B 166 36.03 14.95 -3.05
CA GLU B 166 35.02 15.57 -3.88
C GLU B 166 35.23 15.37 -5.38
N ASN B 167 36.46 15.07 -5.78
CA ASN B 167 36.76 14.87 -7.20
C ASN B 167 36.91 13.40 -7.54
N LEU B 168 36.60 12.53 -6.60
CA LEU B 168 36.69 11.10 -6.82
C LEU B 168 35.52 10.60 -7.68
N PHE B 169 35.76 9.58 -8.51
CA PHE B 169 34.72 8.97 -9.35
C PHE B 169 34.53 7.51 -8.89
N SER B 170 33.29 7.09 -8.68
CA SER B 170 32.98 5.72 -8.28
C SER B 170 32.44 5.11 -9.57
N VAL B 171 33.15 4.11 -10.09
CA VAL B 171 32.78 3.47 -11.35
C VAL B 171 32.34 2.02 -11.18
N THR B 172 31.21 1.69 -11.81
CA THR B 172 30.63 0.35 -11.76
C THR B 172 31.41 -0.55 -12.74
N LEU B 173 31.95 -1.65 -12.23
CA LEU B 173 32.66 -2.64 -13.05
C LEU B 173 31.64 -3.78 -13.05
N ARG B 174 30.59 -3.54 -13.81
CA ARG B 174 29.43 -4.41 -13.92
C ARG B 174 29.56 -5.91 -13.73
N ASP B 175 30.06 -6.61 -14.75
CA ASP B 175 30.20 -8.06 -14.70
C ASP B 175 31.15 -8.59 -13.62
N ALA B 176 32.05 -7.73 -13.14
CA ALA B 176 33.02 -8.17 -12.14
C ALA B 176 32.52 -8.06 -10.70
N GLY B 177 31.37 -7.43 -10.50
CA GLY B 177 30.82 -7.26 -9.16
C GLY B 177 31.75 -6.42 -8.30
N GLN B 178 32.29 -5.37 -8.89
CA GLN B 178 33.21 -4.49 -8.19
C GLN B 178 32.95 -3.05 -8.60
N ILE B 179 33.58 -2.13 -7.87
CA ILE B 179 33.52 -0.70 -8.20
C ILE B 179 34.95 -0.22 -8.09
N ALA B 180 35.32 0.76 -8.90
CA ALA B 180 36.65 1.32 -8.86
C ALA B 180 36.54 2.76 -8.42
N LEU B 181 37.45 3.19 -7.53
CA LEU B 181 37.48 4.56 -7.08
C LEU B 181 38.64 5.18 -7.84
N ILE B 182 38.34 6.15 -8.69
CA ILE B 182 39.36 6.79 -9.53
C ILE B 182 39.52 8.27 -9.22
N ASP B 183 40.77 8.73 -9.19
CA ASP B 183 41.11 10.12 -8.92
C ASP B 183 40.68 10.99 -10.11
N GLY B 184 39.92 12.05 -9.83
CA GLY B 184 39.43 12.93 -10.87
C GLY B 184 40.44 13.83 -11.55
N SER B 185 41.60 14.05 -10.94
CA SER B 185 42.63 14.91 -11.53
C SER B 185 43.83 14.15 -12.10
N THR B 186 44.22 13.04 -11.49
CA THR B 186 45.37 12.27 -11.96
C THR B 186 44.95 11.01 -12.72
N TYR B 187 43.68 10.65 -12.60
CA TYR B 187 43.14 9.46 -13.29
C TYR B 187 43.69 8.14 -12.72
N GLU B 188 44.26 8.20 -11.54
CA GLU B 188 44.80 7.01 -10.89
C GLU B 188 43.67 6.21 -10.26
N ILE B 189 43.65 4.91 -10.55
CA ILE B 189 42.67 4.02 -9.95
C ILE B 189 43.17 3.83 -8.52
N LYS B 190 42.51 4.53 -7.60
CA LYS B 190 42.86 4.49 -6.19
C LYS B 190 42.62 3.14 -5.52
N THR B 191 41.57 2.45 -5.94
CA THR B 191 41.24 1.16 -5.35
C THR B 191 40.09 0.50 -6.08
N VAL B 192 40.08 -0.82 -6.03
CA VAL B 192 39.01 -1.61 -6.66
C VAL B 192 38.43 -2.44 -5.54
N LEU B 193 37.14 -2.22 -5.25
CA LEU B 193 36.45 -2.92 -4.18
C LEU B 193 35.45 -3.96 -4.65
N ASP B 194 35.45 -5.11 -3.99
CA ASP B 194 34.53 -6.20 -4.34
C ASP B 194 33.24 -6.07 -3.54
N THR B 195 32.12 -6.16 -4.24
CA THR B 195 30.82 -6.04 -3.61
C THR B 195 30.09 -7.38 -3.63
N GLY B 196 30.56 -8.30 -4.45
CA GLY B 196 29.93 -9.61 -4.51
C GLY B 196 29.00 -9.86 -5.69
N TYR B 197 28.38 -8.81 -6.21
CA TYR B 197 27.47 -8.95 -7.33
C TYR B 197 27.45 -7.63 -8.06
N ALA B 198 27.08 -7.65 -9.33
CA ALA B 198 27.00 -6.46 -10.17
C ALA B 198 26.17 -5.40 -9.46
N VAL B 199 26.75 -4.21 -9.31
CA VAL B 199 26.04 -3.10 -8.69
C VAL B 199 25.40 -2.32 -9.81
N HIS B 200 24.41 -1.50 -9.48
CA HIS B 200 23.78 -0.70 -10.52
C HIS B 200 24.22 0.74 -10.43
N ILE B 201 24.19 1.32 -9.24
CA ILE B 201 24.62 2.71 -9.10
C ILE B 201 25.26 2.98 -7.75
N SER B 202 25.94 4.12 -7.68
CA SER B 202 26.60 4.59 -6.46
C SER B 202 25.91 5.91 -6.13
N ARG B 203 25.70 6.18 -4.84
CA ARG B 203 25.11 7.42 -4.37
C ARG B 203 25.92 7.84 -3.15
N LEU B 204 25.99 9.14 -2.92
CA LEU B 204 26.77 9.68 -1.80
C LEU B 204 25.90 10.35 -0.76
N SER B 205 26.32 10.28 0.50
CA SER B 205 25.59 10.93 1.56
C SER B 205 25.80 12.43 1.35
N ALA B 206 24.93 13.25 1.92
CA ALA B 206 25.01 14.71 1.76
C ALA B 206 26.33 15.34 2.24
N SER B 207 27.06 14.67 3.14
CA SER B 207 28.33 15.22 3.63
C SER B 207 29.46 14.80 2.70
N GLY B 208 29.20 13.79 1.88
CA GLY B 208 30.22 13.28 0.98
C GLY B 208 31.12 12.25 1.64
N ARG B 209 30.82 11.88 2.88
CA ARG B 209 31.63 10.91 3.60
C ARG B 209 31.31 9.45 3.26
N TYR B 210 30.02 9.14 3.13
CA TYR B 210 29.63 7.77 2.85
C TYR B 210 29.16 7.52 1.44
N LEU B 211 29.69 6.45 0.85
CA LEU B 211 29.38 6.01 -0.49
C LEU B 211 28.51 4.77 -0.35
N PHE B 212 27.34 4.80 -0.97
CA PHE B 212 26.41 3.68 -0.93
C PHE B 212 26.31 3.09 -2.32
N VAL B 213 26.41 1.77 -2.43
CA VAL B 213 26.29 1.10 -3.72
C VAL B 213 25.18 0.06 -3.59
N ILE B 214 24.32 -0.04 -4.59
CA ILE B 214 23.22 -1.01 -4.55
C ILE B 214 23.48 -2.06 -5.61
N GLY B 215 23.48 -3.32 -5.20
CA GLY B 215 23.69 -4.41 -6.14
C GLY B 215 22.36 -4.82 -6.74
N ARG B 216 22.39 -5.36 -7.96
CA ARG B 216 21.18 -5.80 -8.63
C ARG B 216 20.47 -6.86 -7.80
N ASP B 217 21.23 -7.53 -6.93
CA ASP B 217 20.71 -8.59 -6.06
C ASP B 217 20.09 -8.06 -4.77
N GLY B 218 19.95 -6.74 -4.64
CA GLY B 218 19.38 -6.17 -3.44
C GLY B 218 20.36 -5.99 -2.30
N LYS B 219 21.64 -6.19 -2.57
CA LYS B 219 22.68 -6.03 -1.56
C LYS B 219 23.15 -4.58 -1.50
N VAL B 220 23.20 -4.02 -0.30
CA VAL B 220 23.64 -2.64 -0.10
C VAL B 220 24.96 -2.64 0.65
N ASN B 221 25.96 -1.94 0.08
CA ASN B 221 27.26 -1.81 0.72
C ASN B 221 27.47 -0.34 1.03
N MET B 222 27.91 -0.05 2.25
CA MET B 222 28.20 1.31 2.68
C MET B 222 29.71 1.41 2.88
N ILE B 223 30.33 2.37 2.21
CA ILE B 223 31.78 2.56 2.26
C ILE B 223 32.16 3.88 2.91
N ASP B 224 33.04 3.82 3.90
CA ASP B 224 33.50 5.01 4.60
C ASP B 224 34.71 5.59 3.85
N LEU B 225 34.52 6.73 3.21
CA LEU B 225 35.58 7.38 2.44
C LEU B 225 36.65 8.09 3.29
N TRP B 226 36.44 8.15 4.60
CA TRP B 226 37.40 8.81 5.48
C TRP B 226 38.52 7.92 6.01
N MET B 227 38.38 6.62 5.86
CA MET B 227 39.39 5.68 6.33
C MET B 227 40.65 5.77 5.49
N LYS B 228 41.77 5.38 6.09
CA LYS B 228 43.06 5.38 5.42
C LYS B 228 42.89 4.64 4.10
N GLU B 229 42.28 3.45 4.19
CA GLU B 229 41.99 2.63 3.03
C GLU B 229 40.47 2.37 3.06
N PRO B 230 39.69 3.16 2.30
CA PRO B 230 38.24 3.04 2.23
C PRO B 230 37.76 1.62 2.04
N THR B 231 36.79 1.20 2.85
CA THR B 231 36.25 -0.14 2.75
C THR B 231 34.82 -0.19 3.26
N THR B 232 34.13 -1.29 3.01
CA THR B 232 32.76 -1.48 3.46
C THR B 232 32.69 -1.55 4.97
N VAL B 233 31.94 -0.64 5.58
CA VAL B 233 31.79 -0.63 7.02
C VAL B 233 30.46 -1.26 7.46
N ALA B 234 29.58 -1.51 6.51
CA ALA B 234 28.28 -2.11 6.79
C ALA B 234 27.64 -2.61 5.50
N GLU B 235 26.84 -3.67 5.61
CA GLU B 235 26.15 -4.23 4.45
C GLU B 235 24.80 -4.78 4.90
N ILE B 236 23.87 -4.88 3.97
CA ILE B 236 22.54 -5.41 4.27
C ILE B 236 21.88 -5.77 2.95
N LYS B 237 20.98 -6.74 3.00
CA LYS B 237 20.22 -7.17 1.82
C LYS B 237 18.82 -6.63 2.04
N ILE B 238 18.19 -6.07 1.00
CA ILE B 238 16.85 -5.50 1.15
C ILE B 238 15.79 -6.11 0.24
N GLY B 239 16.19 -7.11 -0.53
CA GLY B 239 15.27 -7.77 -1.44
C GLY B 239 16.02 -8.74 -2.34
N SER B 240 15.36 -9.22 -3.39
CA SER B 240 15.97 -10.17 -4.32
C SER B 240 16.51 -9.48 -5.55
N GLU B 241 15.80 -8.43 -5.97
CA GLU B 241 16.19 -7.64 -7.14
C GLU B 241 15.95 -6.18 -6.79
N ALA B 242 16.97 -5.34 -6.98
CA ALA B 242 16.88 -3.92 -6.68
C ALA B 242 17.79 -3.14 -7.64
N ARG B 243 17.46 -1.88 -7.88
CA ARG B 243 18.23 -1.02 -8.79
C ARG B 243 18.48 0.37 -8.23
N SER B 244 17.81 0.73 -7.14
CA SER B 244 17.96 2.09 -6.66
C SER B 244 18.20 2.33 -5.18
N ILE B 245 18.86 3.44 -4.91
CA ILE B 245 19.18 3.83 -3.55
C ILE B 245 19.43 5.34 -3.57
N GLU B 246 19.15 6.01 -2.46
CA GLU B 246 19.38 7.44 -2.33
C GLU B 246 19.59 7.76 -0.86
N THR B 247 20.19 8.90 -0.59
CA THR B 247 20.50 9.36 0.77
C THR B 247 19.68 10.61 1.08
N SER B 248 19.53 10.93 2.36
CA SER B 248 18.79 12.11 2.78
C SER B 248 19.58 13.38 2.45
N LYS B 249 18.95 14.32 1.75
CA LYS B 249 19.61 15.55 1.34
C LYS B 249 18.97 16.86 1.80
N MET B 250 17.98 16.79 2.67
CA MET B 250 17.35 18.00 3.18
C MET B 250 18.32 18.58 4.20
N GLU B 251 18.57 19.88 4.15
CA GLU B 251 19.48 20.50 5.09
C GLU B 251 19.03 20.19 6.52
N GLY B 252 19.98 19.75 7.34
CA GLY B 252 19.69 19.40 8.71
C GLY B 252 19.57 17.89 8.87
N TRP B 253 19.43 17.19 7.74
CA TRP B 253 19.29 15.74 7.78
C TRP B 253 20.41 14.97 7.10
N GLU B 254 21.56 15.64 6.99
CA GLU B 254 22.74 15.04 6.38
C GLU B 254 23.16 13.80 7.16
N ASP B 255 23.43 12.71 6.43
CA ASP B 255 23.86 11.43 6.98
C ASP B 255 22.85 10.70 7.87
N LYS B 256 21.63 11.18 7.95
CA LYS B 256 20.67 10.50 8.80
C LYS B 256 20.02 9.24 8.25
N TYR B 257 19.67 9.23 6.97
CA TYR B 257 19.00 8.08 6.38
C TYR B 257 19.42 7.75 4.96
N ALA B 258 19.17 6.50 4.59
CA ALA B 258 19.41 6.00 3.24
C ALA B 258 18.13 5.22 2.95
N ILE B 259 17.73 5.17 1.67
CA ILE B 259 16.52 4.45 1.30
C ILE B 259 16.86 3.65 0.05
N ALA B 260 16.39 2.41 0.01
CA ALA B 260 16.63 1.56 -1.16
C ALA B 260 15.28 1.03 -1.63
N GLY B 261 15.17 0.83 -2.93
CA GLY B 261 13.93 0.34 -3.50
C GLY B 261 14.19 -0.95 -4.24
N ALA B 262 13.22 -1.85 -4.26
CA ALA B 262 13.35 -3.15 -4.93
C ALA B 262 12.31 -3.42 -6.01
N TYR B 263 12.67 -4.32 -6.92
CA TYR B 263 11.79 -4.78 -8.01
C TYR B 263 11.02 -5.95 -7.39
N TRP B 264 11.73 -6.75 -6.59
CA TRP B 264 11.11 -7.88 -5.88
C TRP B 264 11.80 -8.07 -4.54
N PRO B 265 11.03 -8.08 -3.43
CA PRO B 265 9.57 -7.87 -3.39
C PRO B 265 9.27 -6.40 -3.71
N PRO B 266 8.00 -6.05 -4.02
CA PRO B 266 7.64 -4.66 -4.34
C PRO B 266 7.64 -3.84 -3.04
N GLN B 267 8.76 -3.20 -2.73
CA GLN B 267 8.87 -2.46 -1.48
C GLN B 267 10.09 -1.55 -1.46
N TYR B 268 10.08 -0.57 -0.55
CA TYR B 268 11.22 0.32 -0.35
C TYR B 268 11.53 0.21 1.13
N VAL B 269 12.78 0.49 1.49
CA VAL B 269 13.21 0.36 2.86
C VAL B 269 14.05 1.56 3.26
N ILE B 270 13.72 2.12 4.43
CA ILE B 270 14.44 3.26 5.00
C ILE B 270 15.39 2.67 6.04
N MET B 271 16.67 3.02 5.92
CA MET B 271 17.72 2.52 6.80
C MET B 271 18.49 3.64 7.50
N ASP B 272 19.09 3.32 8.64
CA ASP B 272 19.88 4.28 9.40
C ASP B 272 21.08 4.65 8.50
N GLY B 273 21.33 5.94 8.34
CA GLY B 273 22.43 6.39 7.49
C GLY B 273 23.86 6.10 7.93
N GLU B 274 24.04 5.59 9.15
CA GLU B 274 25.37 5.28 9.65
C GLU B 274 25.62 3.80 9.90
N THR B 275 24.57 3.05 10.17
CA THR B 275 24.70 1.62 10.45
C THR B 275 23.98 0.72 9.45
N LEU B 276 23.09 1.30 8.65
CA LEU B 276 22.28 0.56 7.67
C LEU B 276 21.18 -0.25 8.37
N GLU B 277 20.97 0.01 9.66
CA GLU B 277 19.93 -0.70 10.40
C GLU B 277 18.57 -0.41 9.73
N PRO B 278 17.83 -1.46 9.34
CA PRO B 278 16.53 -1.29 8.68
C PRO B 278 15.53 -0.69 9.67
N LYS B 279 14.96 0.45 9.32
CA LYS B 279 14.01 1.12 10.20
C LYS B 279 12.55 0.97 9.79
N LYS B 280 12.29 1.10 8.50
CA LYS B 280 10.92 1.04 8.01
C LYS B 280 10.84 0.39 6.64
N ILE B 281 9.93 -0.57 6.49
CA ILE B 281 9.73 -1.25 5.22
C ILE B 281 8.31 -0.97 4.79
N GLN B 282 8.14 -0.52 3.55
CA GLN B 282 6.81 -0.22 3.03
C GLN B 282 6.57 -0.93 1.71
N SER B 283 5.42 -1.58 1.58
CA SER B 283 5.04 -2.29 0.37
C SER B 283 4.51 -1.30 -0.65
N THR B 284 4.81 -1.53 -1.93
CA THR B 284 4.33 -0.65 -2.99
C THR B 284 3.13 -1.22 -3.74
N ARG B 285 2.67 -2.39 -3.30
CA ARG B 285 1.50 -3.02 -3.90
C ARG B 285 0.33 -2.07 -3.71
N GLY B 286 -0.49 -1.92 -4.74
CA GLY B 286 -1.63 -1.04 -4.66
C GLY B 286 -2.39 -0.94 -5.97
N MET B 287 -3.22 0.09 -6.07
CA MET B 287 -4.05 0.33 -7.24
C MET B 287 -3.36 1.21 -8.27
N THR B 288 -3.60 0.92 -9.55
CA THR B 288 -3.03 1.72 -10.63
C THR B 288 -3.76 3.07 -10.54
N TYR B 289 -3.06 4.17 -10.78
CA TYR B 289 -3.67 5.49 -10.66
C TYR B 289 -4.89 5.75 -11.57
N ASP B 290 -4.85 5.22 -12.79
CA ASP B 290 -5.92 5.47 -13.75
C ASP B 290 -7.12 4.53 -13.71
N GLU B 291 -6.89 3.23 -13.81
CA GLU B 291 -7.97 2.27 -13.79
C GLU B 291 -8.35 1.84 -12.39
N GLN B 292 -7.51 2.18 -11.41
CA GLN B 292 -7.75 1.83 -10.02
C GLN B 292 -8.09 0.35 -9.88
N GLU B 293 -7.20 -0.45 -10.42
CA GLU B 293 -7.28 -1.90 -10.39
C GLU B 293 -6.05 -2.32 -9.59
N TYR B 294 -6.19 -3.34 -8.76
CA TYR B 294 -5.11 -3.83 -7.94
C TYR B 294 -3.95 -4.40 -8.75
N HIS B 295 -2.73 -3.97 -8.41
CA HIS B 295 -1.53 -4.45 -9.09
C HIS B 295 -0.63 -5.10 -8.04
N PRO B 296 -0.39 -6.41 -8.15
CA PRO B 296 0.45 -7.19 -7.23
C PRO B 296 1.97 -7.07 -7.33
N GLU B 297 2.47 -6.30 -8.29
CA GLU B 297 3.91 -6.19 -8.46
C GLU B 297 4.42 -4.81 -8.94
N PRO B 298 4.19 -3.75 -8.18
CA PRO B 298 4.67 -2.44 -8.64
C PRO B 298 6.12 -2.20 -8.23
N ARG B 299 7.01 -2.27 -9.21
CA ARG B 299 8.45 -2.10 -9.00
C ARG B 299 8.85 -0.68 -8.63
N VAL B 300 9.79 -0.55 -7.71
CA VAL B 300 10.27 0.78 -7.34
C VAL B 300 11.33 1.13 -8.39
N ALA B 301 11.19 2.30 -9.01
CA ALA B 301 12.16 2.71 -10.00
C ALA B 301 13.09 3.77 -9.37
N ALA B 302 13.22 4.94 -9.98
CA ALA B 302 14.13 5.95 -9.43
C ALA B 302 13.71 6.50 -8.07
N ILE B 303 14.70 6.79 -7.23
CA ILE B 303 14.45 7.39 -5.92
C ILE B 303 15.35 8.63 -5.82
N LEU B 304 14.74 9.76 -5.51
CA LEU B 304 15.48 11.00 -5.34
C LEU B 304 15.21 11.53 -3.93
N ALA B 305 15.92 12.58 -3.55
CA ALA B 305 15.77 13.20 -2.23
C ALA B 305 15.42 14.66 -2.39
N SER B 306 14.40 15.08 -1.66
CA SER B 306 13.94 16.46 -1.71
C SER B 306 14.92 17.41 -1.01
N HIS B 307 15.01 18.63 -1.54
CA HIS B 307 15.85 19.68 -1.00
C HIS B 307 14.98 20.72 -0.33
N TYR B 308 13.66 20.57 -0.46
CA TYR B 308 12.71 21.51 0.12
C TYR B 308 12.00 20.98 1.36
N ARG B 309 11.89 19.67 1.46
CA ARG B 309 11.24 19.03 2.61
C ARG B 309 12.02 17.76 2.91
N PRO B 310 12.04 17.33 4.18
CA PRO B 310 12.74 16.12 4.62
C PRO B 310 11.97 14.90 4.14
N GLU B 311 12.01 14.69 2.83
CA GLU B 311 11.29 13.62 2.17
C GLU B 311 12.10 12.96 1.07
N PHE B 312 11.77 11.69 0.79
CA PHE B 312 12.38 10.97 -0.31
C PHE B 312 11.29 10.97 -1.39
N ILE B 313 11.71 10.94 -2.64
CA ILE B 313 10.81 10.94 -3.78
C ILE B 313 10.95 9.55 -4.41
N VAL B 314 9.90 8.75 -4.32
CA VAL B 314 9.91 7.38 -4.83
C VAL B 314 8.99 7.12 -6.02
N ASN B 315 9.56 6.67 -7.14
CA ASN B 315 8.75 6.36 -8.32
C ASN B 315 8.29 4.90 -8.23
N VAL B 316 6.99 4.67 -8.36
CA VAL B 316 6.42 3.31 -8.36
C VAL B 316 5.92 3.12 -9.79
N LYS B 317 6.67 2.34 -10.54
CA LYS B 317 6.43 2.07 -11.96
C LYS B 317 5.06 1.65 -12.48
N GLU B 318 4.68 0.41 -12.20
CA GLU B 318 3.42 -0.13 -12.71
C GLU B 318 2.12 0.56 -12.30
N THR B 319 2.09 1.15 -11.11
CA THR B 319 0.87 1.83 -10.66
C THR B 319 0.83 3.30 -11.05
N GLY B 320 1.96 3.84 -11.49
CA GLY B 320 2.01 5.23 -11.91
C GLY B 320 1.83 6.21 -10.77
N LYS B 321 2.51 5.93 -9.66
CA LYS B 321 2.43 6.81 -8.50
C LYS B 321 3.78 7.26 -8.01
N ILE B 322 3.85 8.50 -7.56
CA ILE B 322 5.08 9.05 -7.03
C ILE B 322 4.81 9.31 -5.55
N LEU B 323 5.66 8.75 -4.69
CA LEU B 323 5.49 8.92 -3.27
C LEU B 323 6.49 9.88 -2.67
N LEU B 324 5.98 10.80 -1.85
CA LEU B 324 6.82 11.76 -1.14
C LEU B 324 6.74 11.21 0.29
N VAL B 325 7.84 10.61 0.74
CA VAL B 325 7.95 9.98 2.04
C VAL B 325 8.69 10.87 3.04
N ASP B 326 7.96 11.38 4.02
CA ASP B 326 8.52 12.25 5.06
C ASP B 326 9.23 11.37 6.09
N TYR B 327 10.53 11.57 6.26
CA TYR B 327 11.29 10.76 7.21
C TYR B 327 11.54 11.36 8.59
N THR B 328 10.79 12.39 8.96
CA THR B 328 10.97 13.02 10.27
C THR B 328 10.33 12.20 11.39
N ASP B 329 9.41 11.31 11.03
CA ASP B 329 8.73 10.46 12.01
C ASP B 329 8.35 9.18 11.28
N LEU B 330 9.05 8.11 11.60
CA LEU B 330 8.82 6.83 10.97
C LEU B 330 7.67 6.03 11.58
N ASN B 331 7.23 6.40 12.78
CA ASN B 331 6.13 5.68 13.46
C ASN B 331 4.77 6.24 13.05
N ASN B 332 4.70 7.55 12.88
CA ASN B 332 3.50 8.26 12.46
C ASN B 332 3.94 8.77 11.09
N LEU B 333 4.05 7.83 10.16
CA LEU B 333 4.53 8.09 8.81
C LEU B 333 3.60 8.87 7.89
N LYS B 334 4.04 10.06 7.50
CA LYS B 334 3.28 10.93 6.61
C LYS B 334 3.82 10.73 5.19
N THR B 335 2.93 10.47 4.24
CA THR B 335 3.32 10.32 2.86
C THR B 335 2.29 10.99 1.96
N THR B 336 2.74 11.40 0.77
CA THR B 336 1.84 11.99 -0.22
C THR B 336 1.95 11.10 -1.45
N GLU B 337 0.86 10.44 -1.80
CA GLU B 337 0.82 9.56 -2.95
C GLU B 337 0.22 10.32 -4.13
N ILE B 338 1.08 10.71 -5.07
CA ILE B 338 0.68 11.47 -6.25
C ILE B 338 0.36 10.60 -7.47
N SER B 339 -0.84 10.74 -8.00
CA SER B 339 -1.24 10.01 -9.20
C SER B 339 -0.54 10.68 -10.38
N ALA B 340 0.34 9.93 -11.03
CA ALA B 340 1.11 10.50 -12.15
C ALA B 340 0.76 9.85 -13.48
N GLU B 341 1.60 8.92 -13.93
CA GLU B 341 1.35 8.22 -15.17
C GLU B 341 2.09 6.90 -15.04
N ARG B 342 1.53 5.86 -15.63
CA ARG B 342 2.14 4.53 -15.55
C ARG B 342 3.47 4.40 -16.28
N PHE B 343 4.31 3.51 -15.75
CA PHE B 343 5.63 3.20 -16.27
C PHE B 343 6.71 4.24 -16.03
N LEU B 344 6.62 4.84 -14.84
CA LEU B 344 7.57 5.82 -14.38
C LEU B 344 8.92 5.10 -14.29
N HIS B 345 9.99 5.76 -14.66
CA HIS B 345 11.29 5.13 -14.56
C HIS B 345 12.28 6.06 -13.88
N ASP B 346 13.01 6.84 -14.66
CA ASP B 346 14.02 7.73 -14.14
C ASP B 346 13.62 9.20 -14.25
N GLY B 347 14.44 10.09 -13.69
CA GLY B 347 14.16 11.50 -13.72
C GLY B 347 15.13 12.31 -12.85
N GLY B 348 14.94 13.62 -12.81
CA GLY B 348 15.82 14.45 -12.01
C GLY B 348 15.19 15.77 -11.61
N LEU B 349 15.88 16.52 -10.76
CA LEU B 349 15.37 17.82 -10.35
C LEU B 349 15.82 18.90 -11.34
N ASP B 350 15.08 20.00 -11.40
CA ASP B 350 15.43 21.12 -12.27
C ASP B 350 16.61 21.86 -11.64
N GLY B 351 17.06 22.92 -12.29
CA GLY B 351 18.18 23.70 -11.79
C GLY B 351 18.03 24.25 -10.38
N SER B 352 16.81 24.65 -10.02
CA SER B 352 16.53 25.20 -8.69
C SER B 352 16.31 24.13 -7.62
N HIS B 353 16.29 22.87 -8.06
CA HIS B 353 16.06 21.73 -7.17
C HIS B 353 14.66 21.64 -6.56
N ARG B 354 13.72 22.41 -7.10
CA ARG B 354 12.36 22.41 -6.56
C ARG B 354 11.39 21.44 -7.26
N TYR B 355 11.56 21.29 -8.57
CA TYR B 355 10.68 20.44 -9.37
C TYR B 355 11.35 19.14 -9.80
N PHE B 356 10.61 18.06 -9.68
CA PHE B 356 11.04 16.72 -10.06
C PHE B 356 10.43 16.44 -11.43
N ILE B 357 11.27 16.11 -12.41
CA ILE B 357 10.79 15.84 -13.76
C ILE B 357 11.13 14.39 -14.05
N THR B 358 10.11 13.59 -14.32
CA THR B 358 10.33 12.17 -14.55
C THR B 358 9.65 11.59 -15.78
N ALA B 359 10.30 10.59 -16.36
CA ALA B 359 9.82 9.94 -17.56
C ALA B 359 8.93 8.71 -17.30
N ALA B 360 7.74 8.73 -17.90
CA ALA B 360 6.82 7.59 -17.86
C ALA B 360 7.16 7.07 -19.25
N ASN B 361 8.29 6.37 -19.34
CA ASN B 361 8.84 5.90 -20.60
C ASN B 361 7.99 5.14 -21.59
N ALA B 362 7.20 4.17 -21.14
CA ALA B 362 6.36 3.40 -22.05
C ALA B 362 5.24 4.26 -22.65
N ARG B 363 4.92 5.38 -22.00
CA ARG B 363 3.86 6.27 -22.51
C ARG B 363 4.36 7.59 -23.09
N ASN B 364 5.68 7.72 -23.27
CA ASN B 364 6.30 8.91 -23.85
C ASN B 364 5.93 10.23 -23.17
N LYS B 365 5.77 10.18 -21.85
CA LYS B 365 5.38 11.36 -21.08
C LYS B 365 6.40 11.80 -20.05
N LEU B 366 6.43 13.10 -19.77
CA LEU B 366 7.29 13.65 -18.73
C LEU B 366 6.28 14.14 -17.69
N VAL B 367 6.50 13.78 -16.44
CA VAL B 367 5.64 14.18 -15.33
C VAL B 367 6.44 15.15 -14.47
N VAL B 368 5.83 16.28 -14.15
CA VAL B 368 6.47 17.30 -13.35
C VAL B 368 5.78 17.41 -11.98
N ILE B 369 6.58 17.31 -10.93
CA ILE B 369 6.11 17.38 -9.54
C ILE B 369 6.77 18.56 -8.83
N ASP B 370 5.99 19.30 -8.06
CA ASP B 370 6.50 20.43 -7.29
C ASP B 370 6.80 19.82 -5.92
N THR B 371 8.07 19.71 -5.55
CA THR B 371 8.44 19.10 -4.28
C THR B 371 8.23 20.01 -3.08
N LYS B 372 8.06 21.30 -3.34
CA LYS B 372 7.84 22.23 -2.24
C LYS B 372 6.38 22.12 -1.79
N GLU B 373 5.46 22.09 -2.75
CA GLU B 373 4.03 21.99 -2.43
C GLU B 373 3.51 20.56 -2.38
N GLY B 374 4.29 19.62 -2.92
CA GLY B 374 3.91 18.22 -2.94
C GLY B 374 2.69 17.93 -3.80
N LYS B 375 2.71 18.43 -5.04
CA LYS B 375 1.60 18.24 -5.96
C LYS B 375 2.08 18.06 -7.39
N LEU B 376 1.24 17.42 -8.20
CA LEU B 376 1.52 17.22 -9.62
C LEU B 376 1.34 18.58 -10.28
N VAL B 377 2.27 18.94 -11.16
CA VAL B 377 2.20 20.22 -11.87
C VAL B 377 1.79 20.02 -13.32
N ALA B 378 2.38 19.03 -13.99
CA ALA B 378 2.05 18.84 -15.40
C ALA B 378 2.49 17.48 -15.93
N ILE B 379 1.89 17.06 -17.04
CA ILE B 379 2.22 15.79 -17.71
C ILE B 379 2.26 16.16 -19.20
N GLU B 380 3.44 16.07 -19.80
CA GLU B 380 3.61 16.43 -21.21
C GLU B 380 4.20 15.32 -22.07
N ASP B 381 3.68 15.19 -23.29
CA ASP B 381 4.19 14.20 -24.24
C ASP B 381 5.42 14.84 -24.85
N THR B 382 6.51 14.08 -24.95
CA THR B 382 7.76 14.62 -25.50
C THR B 382 7.78 14.68 -27.03
N GLY B 383 6.95 13.86 -27.65
CA GLY B 383 6.90 13.81 -29.10
C GLY B 383 7.89 12.78 -29.60
N GLY B 384 8.62 12.17 -28.67
CA GLY B 384 9.60 11.16 -29.02
C GLY B 384 9.18 9.79 -28.52
N GLN B 385 9.98 8.77 -28.80
CA GLN B 385 9.67 7.40 -28.37
C GLN B 385 10.56 6.92 -27.23
N THR B 386 9.95 6.66 -26.08
CA THR B 386 10.65 6.16 -24.90
C THR B 386 11.72 7.10 -24.32
N PRO B 387 11.28 8.21 -23.69
CA PRO B 387 12.28 9.12 -23.11
C PRO B 387 13.05 8.41 -21.99
N HIS B 388 14.35 8.64 -21.94
CA HIS B 388 15.21 8.05 -20.91
C HIS B 388 16.25 9.12 -20.59
N PRO B 389 15.93 9.99 -19.64
CA PRO B 389 16.81 11.09 -19.23
C PRO B 389 17.94 10.83 -18.25
N GLY B 390 17.85 9.76 -17.48
CA GLY B 390 18.83 9.54 -16.44
C GLY B 390 18.31 10.61 -15.49
N ARG B 391 19.18 11.46 -14.95
CA ARG B 391 18.71 12.55 -14.09
C ARG B 391 18.47 13.80 -14.94
N GLY B 392 18.75 13.68 -16.24
CA GLY B 392 18.54 14.78 -17.17
C GLY B 392 19.64 15.82 -17.22
N ALA B 393 19.39 16.90 -17.94
CA ALA B 393 20.35 17.96 -18.08
C ALA B 393 19.67 19.32 -17.98
N ASN B 394 20.09 20.11 -17.00
CA ASN B 394 19.55 21.44 -16.80
C ASN B 394 20.53 22.47 -17.35
N PHE B 395 20.01 23.44 -18.07
CA PHE B 395 20.81 24.53 -18.62
C PHE B 395 19.91 25.71 -18.95
N VAL B 396 20.52 26.87 -19.18
CA VAL B 396 19.75 28.06 -19.54
C VAL B 396 19.88 28.26 -21.04
N HIS B 397 18.78 28.03 -21.74
CA HIS B 397 18.73 28.18 -23.18
C HIS B 397 18.78 29.67 -23.48
N PRO B 398 19.61 30.10 -24.45
CA PRO B 398 19.75 31.52 -24.82
C PRO B 398 18.44 32.30 -24.99
N THR B 399 17.44 31.70 -25.61
CA THR B 399 16.17 32.38 -25.83
C THR B 399 14.99 31.94 -24.94
N PHE B 400 14.95 30.65 -24.59
CA PHE B 400 13.86 30.09 -23.77
C PHE B 400 14.04 30.26 -22.28
N GLY B 401 15.28 30.41 -21.83
CA GLY B 401 15.54 30.52 -20.40
C GLY B 401 15.83 29.14 -19.83
N PRO B 402 15.66 28.93 -18.52
CA PRO B 402 15.92 27.62 -17.90
C PRO B 402 15.12 26.48 -18.52
N VAL B 403 15.80 25.41 -18.91
CA VAL B 403 15.16 24.24 -19.48
C VAL B 403 15.82 22.97 -18.93
N TRP B 404 15.13 21.86 -19.07
CA TRP B 404 15.62 20.55 -18.67
C TRP B 404 15.47 19.72 -19.93
N ALA B 405 16.47 18.89 -20.23
CA ALA B 405 16.46 18.09 -21.46
C ALA B 405 16.54 16.59 -21.24
N THR B 406 16.02 15.84 -22.22
CA THR B 406 16.07 14.38 -22.19
C THR B 406 16.22 13.84 -23.61
N SER B 407 16.95 12.73 -23.74
CA SER B 407 17.07 12.08 -25.04
C SER B 407 16.13 10.86 -24.99
N HIS B 408 16.07 10.10 -26.07
CA HIS B 408 15.16 8.96 -26.14
C HIS B 408 15.83 7.68 -26.60
N MET B 409 15.31 6.56 -26.12
CA MET B 409 15.80 5.24 -26.49
C MET B 409 15.21 4.81 -27.83
N GLY B 410 13.95 5.18 -28.05
CA GLY B 410 13.25 4.82 -29.27
C GLY B 410 13.52 5.60 -30.55
N ASP B 411 14.05 6.80 -30.43
CA ASP B 411 14.38 7.60 -31.61
C ASP B 411 15.53 8.55 -31.30
N ASP B 412 15.94 9.34 -32.30
CA ASP B 412 17.07 10.26 -32.13
C ASP B 412 16.76 11.65 -31.58
N SER B 413 15.53 11.87 -31.13
CA SER B 413 15.14 13.18 -30.63
C SER B 413 15.62 13.55 -29.23
N VAL B 414 15.82 14.85 -29.05
CA VAL B 414 16.21 15.45 -27.78
C VAL B 414 15.12 16.50 -27.57
N ALA B 415 14.49 16.47 -26.40
CA ALA B 415 13.40 17.40 -26.10
C ALA B 415 13.72 18.32 -24.93
N LEU B 416 13.30 19.58 -25.03
CA LEU B 416 13.53 20.56 -23.97
C LEU B 416 12.20 20.96 -23.35
N ILE B 417 12.16 21.03 -22.01
CA ILE B 417 10.96 21.46 -21.29
C ILE B 417 11.32 22.69 -20.43
N GLY B 418 10.49 23.73 -20.49
CA GLY B 418 10.77 24.94 -19.72
C GLY B 418 10.58 24.68 -18.23
N THR B 419 11.50 25.14 -17.40
CA THR B 419 11.42 24.90 -15.96
C THR B 419 11.40 26.17 -15.08
N ASP B 420 10.94 27.28 -15.64
CA ASP B 420 10.94 28.54 -14.88
C ASP B 420 9.56 29.22 -14.86
N PRO B 421 8.65 28.70 -14.01
CA PRO B 421 7.29 29.23 -13.87
C PRO B 421 7.22 30.70 -13.55
N GLU B 422 8.14 31.19 -12.71
CA GLU B 422 8.14 32.60 -12.32
C GLU B 422 8.74 33.55 -13.35
N GLY B 423 9.93 33.20 -13.85
CA GLY B 423 10.63 34.05 -14.80
C GLY B 423 10.24 33.96 -16.26
N HIS B 424 9.84 32.77 -16.71
CA HIS B 424 9.42 32.58 -18.10
C HIS B 424 8.12 31.78 -18.03
N PRO B 425 7.05 32.38 -17.45
CA PRO B 425 5.76 31.70 -17.32
C PRO B 425 5.15 31.10 -18.57
N ASP B 426 5.37 31.73 -19.74
CA ASP B 426 4.83 31.21 -20.99
C ASP B 426 5.53 29.94 -21.48
N ASN B 427 6.76 29.72 -21.05
CA ASN B 427 7.53 28.54 -21.48
C ASN B 427 7.47 27.39 -20.45
N ALA B 428 6.99 27.70 -19.26
CA ALA B 428 6.92 26.71 -18.19
C ALA B 428 6.14 25.44 -18.48
N TRP B 429 6.83 24.31 -18.32
CA TRP B 429 6.24 22.98 -18.49
C TRP B 429 5.67 22.70 -19.88
N LYS B 430 6.28 23.29 -20.90
CA LYS B 430 5.86 23.05 -22.28
C LYS B 430 7.11 22.52 -22.98
N ILE B 431 6.92 21.63 -23.94
CA ILE B 431 8.05 21.09 -24.69
C ILE B 431 8.35 22.21 -25.67
N LEU B 432 9.44 22.93 -25.45
CA LEU B 432 9.81 24.07 -26.27
C LEU B 432 10.49 23.76 -27.59
N ASP B 433 11.24 22.67 -27.64
CA ASP B 433 11.95 22.32 -28.86
C ASP B 433 12.26 20.83 -28.83
N SER B 434 12.44 20.26 -30.03
CA SER B 434 12.73 18.85 -30.19
C SER B 434 13.61 18.80 -31.44
N PHE B 435 14.79 18.18 -31.32
CA PHE B 435 15.72 18.10 -32.44
C PHE B 435 16.53 16.80 -32.39
N PRO B 436 17.01 16.33 -33.54
CA PRO B 436 17.79 15.09 -33.60
C PRO B 436 19.25 15.19 -33.15
N ALA B 437 19.75 14.08 -32.62
CA ALA B 437 21.13 13.93 -32.20
C ALA B 437 21.69 12.80 -33.07
N LEU B 438 22.62 12.00 -32.56
CA LEU B 438 23.23 10.92 -33.34
C LEU B 438 22.31 9.84 -33.91
N GLY B 439 21.41 9.34 -33.08
CA GLY B 439 20.50 8.31 -33.55
C GLY B 439 19.74 7.72 -32.38
N GLY B 440 18.91 6.71 -32.66
CA GLY B 440 18.15 6.08 -31.62
C GLY B 440 19.04 5.28 -30.70
N GLY B 441 18.52 4.86 -29.55
CA GLY B 441 19.30 4.07 -28.62
C GLY B 441 20.02 4.90 -27.58
N SER B 442 19.66 6.18 -27.46
CA SER B 442 20.30 7.06 -26.48
C SER B 442 19.85 6.71 -25.06
N LEU B 443 20.76 6.87 -24.10
CA LEU B 443 20.45 6.60 -22.71
C LEU B 443 20.70 7.80 -21.80
N PHE B 444 21.73 8.58 -22.09
CA PHE B 444 22.07 9.72 -21.23
C PHE B 444 22.42 11.02 -21.93
N ILE B 445 21.94 12.11 -21.36
CA ILE B 445 22.21 13.46 -21.84
C ILE B 445 22.93 14.14 -20.68
N LYS B 446 23.90 14.99 -20.96
CA LYS B 446 24.63 15.60 -19.87
C LYS B 446 25.23 16.97 -20.13
N THR B 447 25.26 17.79 -19.08
CA THR B 447 25.87 19.10 -19.12
C THR B 447 26.27 19.43 -17.69
N HIS B 448 26.86 20.60 -17.49
CA HIS B 448 27.30 21.06 -16.19
C HIS B 448 27.17 22.58 -16.22
N PRO B 449 26.91 23.24 -15.08
CA PRO B 449 26.77 24.70 -15.06
C PRO B 449 27.97 25.48 -15.64
N ASN B 450 29.16 24.90 -15.54
CA ASN B 450 30.37 25.55 -16.04
C ASN B 450 30.67 25.21 -17.50
N SER B 451 29.82 24.40 -18.12
CA SER B 451 29.99 24.00 -19.52
C SER B 451 28.95 24.69 -20.41
N GLN B 452 29.31 24.84 -21.68
CA GLN B 452 28.41 25.43 -22.66
C GLN B 452 28.01 24.31 -23.62
N TYR B 453 28.37 23.08 -23.27
CA TYR B 453 28.09 21.94 -24.12
C TYR B 453 27.09 20.96 -23.54
N LEU B 454 26.36 20.31 -24.43
CA LEU B 454 25.35 19.32 -24.09
C LEU B 454 25.74 18.01 -24.78
N TYR B 455 26.11 17.00 -23.99
CA TYR B 455 26.54 15.70 -24.52
C TYR B 455 25.41 14.68 -24.53
N VAL B 456 25.26 13.97 -25.65
CA VAL B 456 24.21 12.98 -25.80
C VAL B 456 24.81 11.70 -26.38
N ASP B 457 24.62 10.57 -25.70
CA ASP B 457 25.15 9.31 -26.20
C ASP B 457 24.12 8.59 -27.08
N ALA B 458 24.46 7.38 -27.53
CA ALA B 458 23.58 6.58 -28.38
C ALA B 458 23.99 5.12 -28.16
N THR B 459 24.17 4.79 -26.88
CA THR B 459 24.60 3.47 -26.40
C THR B 459 24.02 2.22 -27.06
N LEU B 460 22.71 2.21 -27.22
CA LEU B 460 22.02 1.04 -27.77
C LEU B 460 21.82 1.04 -29.28
N ASN B 461 22.43 2.00 -29.99
CA ASN B 461 22.26 2.05 -31.44
C ASN B 461 22.92 0.81 -32.05
N PRO B 462 22.25 0.20 -33.05
CA PRO B 462 22.82 -1.00 -33.69
C PRO B 462 24.08 -0.75 -34.49
N GLU B 463 24.22 0.44 -35.04
CA GLU B 463 25.40 0.77 -35.84
C GLU B 463 26.58 1.13 -34.93
N ALA B 464 27.66 0.35 -35.06
CA ALA B 464 28.87 0.53 -34.27
C ALA B 464 29.46 1.93 -34.31
N GLU B 465 29.42 2.57 -35.47
CA GLU B 465 29.98 3.91 -35.58
C GLU B 465 29.21 4.91 -34.72
N ILE B 466 27.91 4.67 -34.56
CA ILE B 466 27.06 5.52 -33.75
C ILE B 466 27.14 5.19 -32.25
N SER B 467 26.97 3.93 -31.89
CA SER B 467 27.03 3.53 -30.48
C SER B 467 28.40 3.82 -29.85
N GLY B 468 29.41 4.00 -30.68
CA GLY B 468 30.75 4.28 -30.18
C GLY B 468 31.05 5.77 -30.21
N SER B 469 30.05 6.58 -30.51
CA SER B 469 30.23 8.03 -30.59
C SER B 469 29.27 8.81 -29.69
N VAL B 470 29.51 10.12 -29.60
CA VAL B 470 28.70 11.01 -28.78
C VAL B 470 28.46 12.29 -29.55
N ALA B 471 27.25 12.84 -29.42
CA ALA B 471 26.88 14.10 -30.08
C ALA B 471 27.05 15.24 -29.08
N VAL B 472 27.58 16.37 -29.53
CA VAL B 472 27.77 17.53 -28.64
C VAL B 472 27.16 18.78 -29.24
N PHE B 473 26.25 19.40 -28.49
CA PHE B 473 25.59 20.63 -28.93
C PHE B 473 26.15 21.82 -28.18
N ASP B 474 26.30 22.93 -28.88
CA ASP B 474 26.79 24.17 -28.29
C ASP B 474 25.53 24.90 -27.85
N ILE B 475 25.33 25.01 -26.54
CA ILE B 475 24.16 25.66 -25.98
C ILE B 475 24.08 27.13 -26.37
N LYS B 476 25.22 27.82 -26.36
CA LYS B 476 25.26 29.23 -26.70
C LYS B 476 24.84 29.52 -28.13
N ALA B 477 24.91 28.52 -29.00
CA ALA B 477 24.53 28.69 -30.41
C ALA B 477 23.06 28.38 -30.66
N MET B 478 22.34 27.92 -29.64
CA MET B 478 20.94 27.59 -29.81
C MET B 478 20.09 28.86 -29.90
N THR B 479 19.08 28.82 -30.77
CA THR B 479 18.21 29.97 -30.99
C THR B 479 16.73 29.63 -30.76
N GLY B 480 16.38 28.37 -30.93
CA GLY B 480 15.00 27.95 -30.76
C GLY B 480 14.07 28.61 -31.76
N ASP B 481 14.56 28.75 -32.99
CA ASP B 481 13.79 29.36 -34.07
C ASP B 481 13.17 28.29 -34.96
N GLY B 482 13.10 27.07 -34.45
CA GLY B 482 12.54 25.97 -35.23
C GLY B 482 13.60 25.20 -36.00
N SER B 483 14.73 25.83 -36.29
CA SER B 483 15.80 25.15 -37.02
C SER B 483 16.50 24.16 -36.07
N ASP B 484 17.01 23.07 -36.62
CA ASP B 484 17.68 22.07 -35.82
C ASP B 484 19.14 22.43 -35.60
N PRO B 485 19.56 22.56 -34.34
CA PRO B 485 20.95 22.90 -34.03
C PRO B 485 21.91 21.80 -34.47
N GLU B 486 23.05 22.18 -35.01
CA GLU B 486 24.00 21.17 -35.45
C GLU B 486 24.81 20.73 -34.25
N PHE B 487 25.39 19.54 -34.35
CA PHE B 487 26.20 18.98 -33.28
C PHE B 487 27.52 18.44 -33.81
N LYS B 488 28.51 18.35 -32.93
CA LYS B 488 29.81 17.80 -33.29
C LYS B 488 29.78 16.35 -32.82
N THR B 489 30.39 15.45 -33.58
CA THR B 489 30.43 14.04 -33.23
C THR B 489 31.83 13.72 -32.69
N LEU B 490 31.89 13.15 -31.49
CA LEU B 490 33.15 12.76 -30.88
C LEU B 490 33.27 11.24 -30.98
N PRO B 491 34.30 10.74 -31.69
CA PRO B 491 34.51 9.29 -31.86
C PRO B 491 35.18 8.73 -30.62
N ILE B 492 34.44 8.71 -29.51
CA ILE B 492 34.96 8.23 -28.22
C ILE B 492 35.64 6.85 -28.29
N ALA B 493 34.95 5.86 -28.85
CA ALA B 493 35.51 4.50 -28.96
C ALA B 493 36.77 4.49 -29.81
N GLU B 494 36.76 5.24 -30.90
CA GLU B 494 37.92 5.33 -31.78
C GLU B 494 39.09 5.93 -31.00
N TRP B 495 38.83 7.02 -30.28
CA TRP B 495 39.86 7.65 -29.47
C TRP B 495 40.46 6.69 -28.45
N ALA B 496 39.64 5.78 -27.92
CA ALA B 496 40.10 4.82 -26.92
C ALA B 496 40.97 3.73 -27.50
N GLY B 497 41.01 3.62 -28.83
CA GLY B 497 41.81 2.60 -29.48
C GLY B 497 41.20 1.21 -29.37
N ILE B 498 39.88 1.14 -29.28
CA ILE B 498 39.18 -0.13 -29.17
C ILE B 498 38.28 -0.38 -30.38
N THR B 499 38.52 -1.50 -31.06
CA THR B 499 37.74 -1.89 -32.24
C THR B 499 37.13 -3.29 -32.07
N GLU B 500 37.75 -4.10 -31.21
CA GLU B 500 37.26 -5.45 -30.94
C GLU B 500 35.87 -5.41 -30.31
N GLY B 501 34.99 -6.31 -30.77
CA GLY B 501 33.63 -6.35 -30.27
C GLY B 501 32.94 -5.05 -30.62
N GLN B 502 31.71 -4.85 -30.14
CA GLN B 502 31.03 -3.58 -30.41
C GLN B 502 31.05 -2.76 -29.14
N PRO B 503 32.09 -1.94 -28.96
CA PRO B 503 32.17 -1.11 -27.76
C PRO B 503 31.00 -0.14 -27.78
N ARG B 504 30.37 0.04 -26.63
CA ARG B 504 29.24 0.95 -26.53
C ARG B 504 29.62 2.04 -25.53
N VAL B 505 29.55 3.29 -25.98
CA VAL B 505 29.89 4.42 -25.14
C VAL B 505 28.64 4.77 -24.35
N VAL B 506 28.81 5.00 -23.05
CA VAL B 506 27.66 5.32 -22.23
C VAL B 506 27.94 6.29 -21.10
N GLN B 507 26.96 7.16 -20.89
CA GLN B 507 26.93 8.13 -19.79
C GLN B 507 28.07 9.10 -19.58
N GLY B 508 27.80 10.37 -19.85
CA GLY B 508 28.80 11.39 -19.62
C GLY B 508 28.66 11.76 -18.15
N GLU B 509 29.78 12.07 -17.51
CA GLU B 509 29.80 12.48 -16.11
C GLU B 509 30.98 13.44 -15.97
N PHE B 510 30.72 14.60 -15.39
CA PHE B 510 31.74 15.64 -15.21
C PHE B 510 32.51 15.53 -13.91
N ASN B 511 33.66 16.19 -13.87
CA ASN B 511 34.47 16.24 -12.66
C ASN B 511 33.89 17.38 -11.82
N LYS B 512 34.43 17.59 -10.61
CA LYS B 512 33.93 18.61 -9.71
C LYS B 512 33.86 20.02 -10.27
N ASP B 513 34.84 20.38 -11.10
CA ASP B 513 34.95 21.72 -11.68
C ASP B 513 34.13 21.89 -12.96
N GLY B 514 33.74 20.78 -13.56
CA GLY B 514 32.98 20.85 -14.81
C GLY B 514 33.86 21.23 -15.97
N THR B 515 35.14 20.88 -15.87
CA THR B 515 36.15 21.18 -16.90
C THR B 515 36.47 19.95 -17.75
N GLU B 516 36.10 18.77 -17.27
CA GLU B 516 36.35 17.53 -17.98
C GLU B 516 35.14 16.61 -17.84
N VAL B 517 34.85 15.85 -18.89
CA VAL B 517 33.73 14.94 -18.90
C VAL B 517 34.20 13.53 -19.29
N TRP B 518 33.78 12.54 -18.50
CA TRP B 518 34.15 11.15 -18.70
C TRP B 518 33.05 10.32 -19.37
N PHE B 519 33.47 9.33 -20.16
CA PHE B 519 32.54 8.43 -20.84
C PHE B 519 33.05 7.00 -20.64
N SER B 520 32.14 6.04 -20.55
CA SER B 520 32.57 4.65 -20.42
C SER B 520 32.54 4.04 -21.81
N VAL B 521 33.57 3.27 -22.14
CA VAL B 521 33.63 2.56 -23.41
C VAL B 521 33.41 1.13 -22.96
N TRP B 522 32.14 0.79 -22.88
CA TRP B 522 31.64 -0.50 -22.43
C TRP B 522 31.77 -1.63 -23.45
N ASN B 523 32.70 -2.55 -23.18
CA ASN B 523 32.92 -3.69 -24.04
C ASN B 523 32.60 -4.96 -23.24
N GLY B 524 32.71 -6.11 -23.90
CA GLY B 524 32.41 -7.37 -23.25
C GLY B 524 33.34 -7.73 -22.10
N LYS B 525 32.88 -8.65 -21.25
CA LYS B 525 33.63 -9.11 -20.09
C LYS B 525 35.03 -9.61 -20.42
N ASP B 526 35.17 -10.25 -21.58
CA ASP B 526 36.46 -10.78 -22.01
C ASP B 526 37.07 -9.94 -23.12
N GLN B 527 36.60 -8.72 -23.26
CA GLN B 527 37.09 -7.80 -24.26
C GLN B 527 37.77 -6.64 -23.53
N GLU B 528 38.34 -5.71 -24.30
CA GLU B 528 39.02 -4.56 -23.71
C GLU B 528 38.08 -3.36 -23.59
N SER B 529 37.97 -2.81 -22.40
CA SER B 529 37.14 -1.65 -22.15
C SER B 529 38.03 -0.45 -21.80
N ALA B 530 37.43 0.71 -21.57
CA ALA B 530 38.17 1.91 -21.23
C ALA B 530 37.25 3.03 -20.75
N LEU B 531 37.86 4.07 -20.20
CA LEU B 531 37.16 5.26 -19.76
C LEU B 531 37.88 6.37 -20.54
N VAL B 532 37.10 7.25 -21.18
CA VAL B 532 37.68 8.33 -21.95
C VAL B 532 37.38 9.68 -21.31
N VAL B 533 38.42 10.47 -21.07
CA VAL B 533 38.29 11.79 -20.47
C VAL B 533 38.45 12.85 -21.57
N VAL B 534 37.42 13.67 -21.73
CA VAL B 534 37.39 14.71 -22.74
C VAL B 534 37.54 16.07 -22.07
N ASP B 535 38.33 16.95 -22.69
CA ASP B 535 38.52 18.30 -22.17
C ASP B 535 37.28 19.05 -22.63
N ASP B 536 36.44 19.49 -21.70
CA ASP B 536 35.20 20.18 -22.03
C ASP B 536 35.35 21.48 -22.83
N LYS B 537 36.39 22.24 -22.53
CA LYS B 537 36.62 23.50 -23.21
C LYS B 537 37.04 23.41 -24.67
N THR B 538 37.79 22.37 -25.02
CA THR B 538 38.26 22.22 -26.39
C THR B 538 37.60 21.08 -27.15
N LEU B 539 36.87 20.22 -26.44
CA LEU B 539 36.21 19.06 -27.03
C LEU B 539 37.23 18.11 -27.64
N GLU B 540 38.42 18.10 -27.05
CA GLU B 540 39.49 17.23 -27.53
C GLU B 540 39.75 16.12 -26.52
N LEU B 541 40.32 15.02 -26.99
CA LEU B 541 40.67 13.90 -26.13
C LEU B 541 41.72 14.38 -25.14
N LYS B 542 41.56 13.98 -23.90
CA LYS B 542 42.49 14.36 -22.84
C LYS B 542 43.25 13.15 -22.36
N HIS B 543 42.54 12.13 -21.90
CA HIS B 543 43.20 10.94 -21.36
C HIS B 543 42.34 9.70 -21.50
N VAL B 544 42.99 8.56 -21.69
CA VAL B 544 42.29 7.28 -21.81
C VAL B 544 42.76 6.41 -20.64
N ILE B 545 41.81 5.86 -19.90
CA ILE B 545 42.12 5.00 -18.78
C ILE B 545 41.87 3.56 -19.20
N LYS B 546 42.95 2.77 -19.21
CA LYS B 546 42.88 1.36 -19.55
C LYS B 546 43.62 0.60 -18.48
N ASP B 547 43.04 -0.51 -18.05
CA ASP B 547 43.64 -1.31 -16.99
C ASP B 547 42.98 -2.68 -17.03
N GLU B 548 43.74 -3.71 -16.69
CA GLU B 548 43.22 -5.08 -16.70
C GLU B 548 41.99 -5.25 -15.82
N ARG B 549 41.95 -4.51 -14.72
CA ARG B 549 40.85 -4.58 -13.76
C ARG B 549 39.59 -3.85 -14.22
N LEU B 550 39.71 -3.04 -15.26
CA LEU B 550 38.59 -2.25 -15.76
C LEU B 550 37.63 -3.10 -16.60
N VAL B 551 36.95 -4.01 -15.94
CA VAL B 551 36.01 -4.93 -16.59
C VAL B 551 34.61 -4.33 -16.71
N THR B 552 34.10 -4.26 -17.93
CA THR B 552 32.76 -3.73 -18.23
C THR B 552 32.37 -2.47 -17.44
N PRO B 553 33.14 -1.38 -17.59
CA PRO B 553 32.80 -0.15 -16.85
C PRO B 553 31.51 0.46 -17.41
N THR B 554 30.56 0.80 -16.55
CA THR B 554 29.31 1.41 -17.03
C THR B 554 29.05 2.73 -16.29
N GLY B 555 28.22 2.72 -15.25
CA GLY B 555 27.93 3.94 -14.52
C GLY B 555 29.14 4.52 -13.79
N LYS B 556 29.30 5.84 -13.86
CA LYS B 556 30.39 6.54 -13.19
C LYS B 556 29.75 7.68 -12.41
N PHE B 557 30.19 7.90 -11.18
CA PHE B 557 29.62 8.96 -10.37
C PHE B 557 30.65 9.75 -9.62
N ASN B 558 30.76 11.03 -9.97
CA ASN B 558 31.67 11.95 -9.31
C ASN B 558 31.04 12.31 -7.96
N VAL B 559 31.81 12.19 -6.91
CA VAL B 559 31.34 12.45 -5.55
C VAL B 559 30.62 13.79 -5.39
N TYR B 560 31.29 14.87 -5.76
CA TYR B 560 30.70 16.19 -5.61
C TYR B 560 29.39 16.40 -6.38
N ASN B 561 29.37 16.04 -7.66
CA ASN B 561 28.18 16.23 -8.48
C ASN B 561 27.00 15.37 -8.05
N THR B 562 27.29 14.23 -7.46
CA THR B 562 26.26 13.31 -6.99
C THR B 562 25.68 13.78 -5.67
N MET B 563 26.53 14.19 -4.73
CA MET B 563 26.05 14.60 -3.42
C MET B 563 25.25 15.90 -3.44
N THR B 564 25.58 16.77 -4.40
CA THR B 564 24.94 18.06 -4.54
C THR B 564 23.87 18.12 -5.62
N ASP B 565 23.65 17.00 -6.31
CA ASP B 565 22.66 16.94 -7.41
C ASP B 565 22.92 18.03 -8.46
N THR B 566 24.15 18.09 -8.93
CA THR B 566 24.56 19.06 -9.94
C THR B 566 24.56 18.43 -11.33
N TYR B 567 23.52 18.76 -12.10
CA TYR B 567 23.34 18.26 -13.47
C TYR B 567 22.29 19.12 -14.16
CHA HEM C . -10.30 -25.42 12.75
CHB HEM C . -11.88 -26.79 8.39
CHC HEM C . -15.31 -23.45 8.63
CHD HEM C . -13.53 -21.85 12.79
C1A HEM C . -10.45 -26.12 11.56
C2A HEM C . -9.61 -27.24 11.12
C3A HEM C . -10.08 -27.65 9.93
C4A HEM C . -11.18 -26.75 9.59
CMA HEM C . -9.53 -28.80 9.09
CAA HEM C . -8.36 -27.78 11.83
CBA HEM C . -7.24 -26.74 11.88
CGA HEM C . -6.04 -27.20 12.68
O1A HEM C . -4.96 -26.60 12.52
O2A HEM C . -6.17 -28.15 13.48
C1B HEM C . -12.90 -25.91 8.02
C2B HEM C . -13.64 -26.00 6.77
C3B HEM C . -14.63 -25.07 6.83
C4B HEM C . -14.47 -24.43 8.14
CMB HEM C . -13.30 -26.85 5.54
CAB HEM C . -15.56 -24.60 5.72
CBB HEM C . -16.52 -25.60 5.07
C1C HEM C . -15.17 -22.78 9.81
C2C HEM C . -15.99 -21.64 10.20
C3C HEM C . -15.47 -21.17 11.35
C4C HEM C . -14.32 -22.00 11.66
CMC HEM C . -17.21 -21.09 9.49
CAC HEM C . -16.00 -19.95 12.10
CBC HEM C . -17.21 -20.27 12.96
C1D HEM C . -12.49 -22.69 13.16
C2D HEM C . -11.75 -22.60 14.42
C3D HEM C . -10.81 -23.57 14.40
C4D HEM C . -11.02 -24.31 13.16
CMD HEM C . -11.97 -21.63 15.57
CAD HEM C . -9.69 -23.70 15.46
CBD HEM C . -9.42 -25.02 16.19
CGD HEM C . -10.56 -25.47 17.09
O1D HEM C . -11.71 -24.99 16.94
O2D HEM C . -10.32 -26.32 17.97
NA HEM C . -11.39 -25.81 10.59
NB HEM C . -13.39 -24.91 8.84
NC HEM C . -14.13 -23.00 10.71
ND HEM C . -12.04 -23.76 12.38
FE HEM C . -12.68 -24.33 10.60
FE DHE D . -20.27 -5.83 14.29
CHA DHE D . -19.80 -2.46 14.53
CHB DHE D . -17.35 -6.15 12.60
CHC DHE D . -20.47 -9.16 14.67
CHD DHE D . -23.53 -5.47 15.18
NA DHE D . -18.77 -4.51 13.70
C1A DHE D . -18.79 -3.15 13.87
C2A DHE D . -17.64 -2.62 13.23
C3A DHE D . -16.93 -3.66 12.68
C4A DHE D . -17.67 -4.86 12.97
CMA DHE D . -15.65 -3.63 11.90
CAA DHE D . -17.32 -1.15 13.20
CBA DHE D . -18.09 -0.43 12.19
CGA DHE D . -17.76 0.98 11.92
O1A DHE D . -16.87 1.54 12.57
O2A DHE D . -18.41 1.59 11.04
NB DHE D . -19.08 -7.44 13.76
C1B DHE D . -17.90 -7.30 13.08
C2B DHE D . -17.26 -8.62 12.95
OMB DHE D . -16.26 -8.87 12.33
C3B DHE D . -18.09 -9.60 13.74
CGB DHE D . -17.24 -9.94 15.07
CAB DHE D . -18.38 -10.85 13.01
CBB DHE D . -19.26 -10.76 11.82
O1B DHE D . -19.64 -11.80 11.29
O2B DHE D . -19.59 -9.64 11.40
C4B DHE D . -19.29 -8.73 14.10
NC DHE D . -21.79 -7.12 14.85
C1C DHE D . -21.61 -8.46 14.95
C2C DHE D . -22.86 -9.08 15.43
OMC DHE D . -23.04 -10.25 15.64
C3C DHE D . -23.88 -7.97 15.63
CGC DHE D . -24.15 -7.85 17.21
CAC DHE D . -25.19 -8.18 14.95
CBC DHE D . -25.27 -7.97 13.49
O1C DHE D . -26.08 -7.11 13.05
O2C DHE D . -24.55 -8.66 12.75
C4C DHE D . -23.06 -6.76 15.20
ND DHE D . -21.45 -4.22 14.89
C1D DHE D . -22.78 -4.29 15.23
C2D DHE D . -23.20 -3.00 15.66
C3D DHE D . -22.11 -2.14 15.50
C4D DHE D . -21.04 -2.91 14.94
CMD DHE D . -24.57 -2.67 16.17
CAD DHE D . -22.00 -0.72 15.81
CBD DHE D . -22.53 -0.12 16.84
CGD DHE D . -22.30 1.28 17.23
O1D DHE D . -23.01 1.75 18.12
O2D DHE D . -21.42 1.93 16.64
S SO2 E . -19.43 -5.91 16.26
O1 SO2 E . -18.06 -6.14 16.42
O2 SO2 E . -19.89 -5.08 17.28
CHA HEM F . 3.40 -12.34 -25.54
CHB HEM F . 6.06 -15.85 -23.58
CHC HEM F . 9.78 -12.82 -23.19
CHD HEM F . 6.92 -9.20 -24.47
C1A HEM F . 3.84 -13.60 -25.14
C2A HEM F . 3.06 -14.81 -25.17
C3A HEM F . 3.79 -15.79 -24.60
C4A HEM F . 5.03 -15.17 -24.20
CMA HEM F . 3.36 -17.25 -24.40
CAA HEM F . 1.63 -14.96 -25.63
CBA HEM F . 0.62 -14.44 -24.61
CGA HEM F . -0.77 -14.26 -25.19
O1A HEM F . -1.74 -14.15 -24.40
O2A HEM F . -0.91 -14.22 -26.43
C1B HEM F . 7.28 -15.33 -23.25
C2B HEM F . 8.36 -16.10 -22.70
C3B HEM F . 9.45 -15.26 -22.67
C4B HEM F . 9.01 -13.98 -23.18
CMB HEM F . 8.29 -17.54 -22.17
CAB HEM F . 10.86 -15.60 -22.20
CBB HEM F . 11.61 -16.66 -23.00
C1C HEM F . 9.32 -11.56 -23.52
C2C HEM F . 10.11 -10.33 -23.39
C3C HEM F . 9.27 -9.30 -23.66
C4C HEM F . 7.98 -9.91 -24.01
CMC HEM F . 11.56 -10.24 -22.98
CAC HEM F . 9.56 -7.80 -23.53
CBC HEM F . 10.69 -7.21 -24.36
C1D HEM F . 5.72 -9.74 -24.91
C2D HEM F . 4.64 -8.96 -25.45
C3D HEM F . 3.63 -9.81 -25.72
C4D HEM F . 4.13 -11.16 -25.41
CMD HEM F . 4.65 -7.47 -25.74
CAD HEM F . 2.24 -9.28 -26.09
CBD HEM F . 1.41 -9.84 -27.24
CGD HEM F . 2.02 -9.62 -28.62
O1D HEM F . 3.26 -9.44 -28.71
O2D HEM F . 1.26 -9.62 -29.62
NA HEM F . 5.08 -13.82 -24.55
NB HEM F . 7.67 -14.02 -23.52
NC HEM F . 8.02 -11.28 -23.91
ND HEM F . 5.42 -11.10 -24.90
FE HEM F . 6.55 -12.55 -24.24
FE DHE G . 19.86 1.22 -15.20
CHA DHE G . 19.78 4.12 -13.36
CHB DHE G . 16.92 0.22 -13.81
CHC DHE G . 19.75 -1.40 -17.33
CHD DHE G . 23.10 1.87 -16.08
NA DHE G . 18.50 2.09 -13.89
C1A DHE G . 18.69 3.27 -13.20
C2A DHE G . 17.59 3.45 -12.32
C3A DHE G . 16.78 2.33 -12.44
C4A DHE G . 17.37 1.47 -13.40
CMA DHE G . 15.53 2.01 -11.69
CAA DHE G . 17.41 4.62 -11.40
CBA DHE G . 18.19 4.49 -10.18
CGA DHE G . 18.06 5.49 -9.15
O1A DHE G . 17.22 6.40 -9.27
O2A DHE G . 18.80 5.41 -8.15
NB DHE G . 18.54 -0.35 -15.55
C1B DHE G . 17.36 -0.50 -14.88
C2B DHE G . 16.58 -1.60 -15.51
OMB DHE G . 15.57 -2.13 -15.09
C3B DHE G . 17.31 -1.96 -16.80
CGB DHE G . 16.49 -1.25 -17.99
CAB DHE G . 17.41 -3.42 -17.06
CBB DHE G . 18.01 -4.23 -16.00
O1B DHE G . 17.95 -5.47 -16.09
O2B DHE G . 18.57 -3.66 -15.04
C4B DHE G . 18.61 -1.22 -16.58
NC DHE G . 21.23 0.38 -16.50
C1C DHE G . 20.94 -0.69 -17.31
C2C DHE G . 22.10 -1.01 -18.16
OMC DHE G . 22.19 -1.91 -18.97
C3C DHE G . 23.17 0.01 -17.86
CGC DHE G . 23.31 0.92 -19.18
CAC DHE G . 24.48 -0.61 -17.52
CBC DHE G . 24.51 -1.40 -16.27
O1C DHE G . 25.43 -1.18 -15.46
O2C DHE G . 23.63 -2.24 -16.07
C4C DHE G . 22.51 0.82 -16.75
ND DHE G . 21.20 2.76 -14.80
C1D DHE G . 22.49 2.84 -15.28
C2D DHE G . 23.05 4.09 -14.83
C3D DHE G . 22.07 4.74 -14.12
C4D DHE G . 20.94 3.89 -14.05
CMD DHE G . 24.46 4.52 -15.14
CAD DHE G . 22.13 6.08 -13.51
CBD DHE G . 22.60 7.14 -14.06
CGD DHE G . 22.60 8.46 -13.44
O1D DHE G . 23.40 9.31 -13.89
O2D DHE G . 21.83 8.69 -12.50
S SO2 H . 18.97 2.29 -16.81
O1 SO2 H . 17.65 2.77 -16.78
O2 SO2 H . 19.80 3.24 -17.41
#